data_9JIL
#
_entry.id   9JIL
#
_cell.length_a   1.00
_cell.length_b   1.00
_cell.length_c   1.00
_cell.angle_alpha   90.00
_cell.angle_beta   90.00
_cell.angle_gamma   90.00
#
_symmetry.space_group_name_H-M   'P 1'
#
loop_
_entity.id
_entity.type
_entity.pdbx_description
1 polymer 'Pro-secreted protein ORF2'
2 polymer 'C131 Fab heavy chain'
3 polymer 'C131 Fab light chain'
#
loop_
_entity_poly.entity_id
_entity_poly.type
_entity_poly.pdbx_seq_one_letter_code
_entity_poly.pdbx_strand_id
1 'polypeptide(L)'
;APARPITNWRSGDVVWVTLPSAEYAQSQSAMGSHPAYWSEEATIINVATGQRAAVSSIKWDQVTLNGKALHKETHSGLVY
YQLPLMGKINFWQQGTTKAGYTYNYNTTDSDSLWVWWDGGSKAYLYISTYTTMLGAGPVNITGLGAVGPNPV
;
A,B
2 'polypeptide(L)'
;QVQLVQSGAEVKKPGSSVKVSCKTSGGTFSTYGISWVRQAPGQGLEWLGGIIPIFATPNYAQNFQGRLTITADESTSTAY
MELTSLRSDDTAVYYCAREAQPNPWFRENNRFDPWGQGTLVTVSS
;
E,H
3 'polypeptide(L)'
;QSALTQPASVSGSPGQSITISCTGTSSDVGSYDLVSWYQQQPGKAPKLIIYEGNKRPSGVSHRFSGSNSGNTASLTISGL
QAEDEADYYCCSFAISVTFVFGTGTKVTVL
;
F,L
#
# COMPACT_ATOMS: atom_id res chain seq x y z
N ALA A 1 12.55 4.74 8.12
CA ALA A 1 12.98 3.85 7.05
C ALA A 1 12.66 2.36 7.33
N PRO A 2 12.88 1.88 8.55
CA PRO A 2 12.43 0.51 8.87
C PRO A 2 10.93 0.37 8.67
N ALA A 3 10.55 -0.69 7.97
CA ALA A 3 9.15 -0.92 7.65
C ALA A 3 8.40 -1.37 8.90
N ARG A 4 7.09 -1.14 8.91
CA ARG A 4 6.26 -1.56 10.02
C ARG A 4 6.08 -3.07 9.99
N PRO A 5 6.48 -3.79 11.03
CA PRO A 5 6.37 -5.25 10.99
C PRO A 5 4.92 -5.70 10.88
N ILE A 6 4.72 -6.82 10.18
CA ILE A 6 3.38 -7.35 9.98
C ILE A 6 2.79 -7.87 11.29
N THR A 7 3.62 -8.04 12.32
CA THR A 7 3.12 -8.46 13.62
C THR A 7 2.28 -7.37 14.28
N ASN A 8 2.49 -6.11 13.89
CA ASN A 8 1.79 -4.98 14.49
C ASN A 8 0.78 -4.44 13.50
N TRP A 9 -0.48 -4.40 13.90
CA TRP A 9 -1.60 -4.02 13.04
C TRP A 9 -2.32 -2.81 13.60
N ARG A 10 -3.03 -2.10 12.72
CA ARG A 10 -3.78 -0.92 13.09
C ARG A 10 -5.16 -0.98 12.45
N SER A 11 -6.10 -0.24 13.03
CA SER A 11 -7.43 -0.14 12.45
C SER A 11 -7.38 0.60 11.12
N GLY A 12 -8.14 0.13 10.15
CA GLY A 12 -8.10 0.66 8.80
C GLY A 12 -7.03 0.08 7.92
N ASP A 13 -6.22 -0.84 8.43
CA ASP A 13 -5.24 -1.54 7.62
C ASP A 13 -5.93 -2.48 6.64
N VAL A 14 -5.35 -2.60 5.45
CA VAL A 14 -5.87 -3.50 4.42
C VAL A 14 -5.06 -4.79 4.46
N VAL A 15 -5.77 -5.92 4.53
CA VAL A 15 -5.15 -7.22 4.69
C VAL A 15 -5.36 -8.05 3.43
N TRP A 16 -4.30 -8.74 3.02
CA TRP A 16 -4.32 -9.63 1.86
C TRP A 16 -3.88 -11.01 2.32
N VAL A 17 -4.77 -11.99 2.23
CA VAL A 17 -4.51 -13.34 2.69
C VAL A 17 -4.58 -14.30 1.50
N THR A 18 -3.56 -15.15 1.38
CA THR A 18 -3.55 -16.22 0.40
C THR A 18 -3.85 -17.53 1.10
N LEU A 19 -4.67 -18.36 0.46
CA LEU A 19 -5.08 -19.65 1.02
C LEU A 19 -4.79 -20.75 0.00
N PRO A 20 -3.52 -21.11 -0.16
CA PRO A 20 -3.17 -22.18 -1.12
C PRO A 20 -3.70 -23.53 -0.65
N SER A 21 -4.32 -24.25 -1.58
N SER A 21 -4.32 -24.25 -1.57
CA SER A 21 -4.87 -25.58 -1.32
CA SER A 21 -4.87 -25.58 -1.31
C SER A 21 -5.83 -25.58 -0.12
C SER A 21 -5.83 -25.58 -0.12
N ALA A 22 -6.72 -24.59 -0.12
CA ALA A 22 -7.67 -24.45 0.98
C ALA A 22 -8.65 -25.61 0.99
N GLU A 23 -9.00 -26.05 2.20
CA GLU A 23 -9.96 -27.13 2.40
C GLU A 23 -11.24 -26.57 3.03
N TYR A 24 -12.33 -27.29 2.84
CA TYR A 24 -13.63 -26.91 3.36
C TYR A 24 -13.90 -27.64 4.67
N ALA A 25 -14.35 -26.89 5.67
CA ALA A 25 -14.76 -27.45 6.95
C ALA A 25 -16.24 -27.17 7.16
N GLN A 26 -17.01 -28.20 7.51
CA GLN A 26 -18.45 -28.03 7.65
C GLN A 26 -18.79 -27.14 8.84
N SER A 27 -18.05 -27.25 9.93
CA SER A 27 -18.29 -26.45 11.12
C SER A 27 -16.97 -26.10 11.79
N GLN A 28 -16.80 -24.83 12.14
CA GLN A 28 -15.61 -24.35 12.84
C GLN A 28 -16.05 -23.73 14.15
N SER A 29 -15.35 -24.08 15.24
N SER A 29 -15.35 -24.08 15.24
CA SER A 29 -15.76 -23.66 16.57
CA SER A 29 -15.75 -23.65 16.57
C SER A 29 -15.63 -22.15 16.74
C SER A 29 -15.63 -22.14 16.73
N ALA A 30 -14.58 -21.55 16.19
CA ALA A 30 -14.36 -20.11 16.34
C ALA A 30 -15.42 -19.27 15.64
N MET A 31 -16.12 -19.83 14.66
CA MET A 31 -17.22 -19.14 13.98
C MET A 31 -18.59 -19.70 14.39
N GLY A 32 -18.68 -20.26 15.60
CA GLY A 32 -19.95 -20.76 16.08
C GLY A 32 -20.51 -21.92 15.28
N SER A 33 -19.65 -22.90 14.98
CA SER A 33 -20.04 -24.10 14.24
C SER A 33 -20.65 -23.75 12.88
N HIS A 34 -19.85 -23.04 12.09
CA HIS A 34 -20.27 -22.61 10.77
C HIS A 34 -19.19 -22.97 9.76
N PRO A 35 -19.56 -23.14 8.48
CA PRO A 35 -18.59 -23.55 7.47
C PRO A 35 -17.47 -22.53 7.30
N ALA A 36 -16.28 -23.04 6.98
CA ALA A 36 -15.13 -22.18 6.77
C ALA A 36 -14.17 -22.84 5.79
N TYR A 37 -13.37 -22.01 5.13
CA TYR A 37 -12.28 -22.45 4.29
C TYR A 37 -10.97 -22.22 5.03
N TRP A 38 -10.13 -23.24 5.12
CA TRP A 38 -8.89 -23.15 5.87
C TRP A 38 -7.72 -23.68 5.04
N SER A 39 -6.55 -23.09 5.29
CA SER A 39 -5.33 -23.46 4.60
C SER A 39 -4.22 -23.71 5.61
N GLU A 40 -3.31 -24.61 5.25
CA GLU A 40 -2.18 -24.95 6.10
C GLU A 40 -0.96 -24.08 5.84
N GLU A 41 -0.84 -23.50 4.65
CA GLU A 41 0.32 -22.71 4.24
C GLU A 41 -0.11 -21.33 3.79
N ALA A 42 -0.97 -20.69 4.59
CA ALA A 42 -1.49 -19.38 4.23
C ALA A 42 -0.41 -18.31 4.38
N THR A 43 -0.58 -17.23 3.62
CA THR A 43 0.33 -16.09 3.65
C THR A 43 -0.48 -14.82 3.84
N ILE A 44 0.00 -13.94 4.72
CA ILE A 44 -0.68 -12.70 5.06
C ILE A 44 0.18 -11.53 4.60
N ILE A 45 -0.46 -10.52 4.02
CA ILE A 45 0.22 -9.35 3.49
C ILE A 45 -0.48 -8.08 3.98
N ASN A 46 0.30 -7.12 4.48
CA ASN A 46 -0.18 -5.78 4.73
C ASN A 46 0.01 -4.98 3.44
N VAL A 47 -1.10 -4.68 2.76
CA VAL A 47 -1.04 -4.12 1.41
C VAL A 47 -0.38 -2.73 1.42
N ALA A 48 -0.77 -1.89 2.37
CA ALA A 48 -0.26 -0.51 2.38
C ALA A 48 1.22 -0.47 2.66
N THR A 49 1.71 -1.27 3.60
CA THR A 49 3.12 -1.28 3.95
C THR A 49 3.94 -2.22 3.08
N GLY A 50 3.30 -3.16 2.39
CA GLY A 50 4.01 -4.11 1.57
C GLY A 50 4.70 -5.23 2.32
N GLN A 51 4.48 -5.34 3.62
CA GLN A 51 5.11 -6.38 4.42
C GLN A 51 4.30 -7.68 4.33
N ARG A 52 5.00 -8.79 4.57
CA ARG A 52 4.44 -10.11 4.32
C ARG A 52 5.06 -11.10 5.27
N ALA A 53 4.39 -12.24 5.44
CA ALA A 53 4.93 -13.35 6.22
C ALA A 53 3.98 -14.54 6.05
N ALA A 54 4.55 -15.73 6.19
CA ALA A 54 3.73 -16.93 6.27
C ALA A 54 3.01 -16.97 7.61
N VAL A 55 1.76 -17.44 7.60
CA VAL A 55 0.97 -17.47 8.81
C VAL A 55 1.61 -18.40 9.85
N SER A 56 2.19 -19.51 9.40
CA SER A 56 2.86 -20.44 10.30
C SER A 56 4.13 -19.86 10.91
N SER A 57 4.73 -18.85 10.27
N SER A 57 4.73 -18.85 10.27
CA SER A 57 5.98 -18.27 10.74
CA SER A 57 5.98 -18.27 10.74
C SER A 57 5.77 -17.12 11.72
C SER A 57 5.77 -17.12 11.72
N ILE A 58 4.53 -16.76 12.02
CA ILE A 58 4.22 -15.64 12.91
C ILE A 58 3.95 -16.18 14.30
N LYS A 59 4.57 -15.57 15.31
CA LYS A 59 4.25 -15.84 16.70
C LYS A 59 2.99 -15.05 17.05
N TRP A 60 1.87 -15.75 17.15
CA TRP A 60 0.58 -15.07 17.23
C TRP A 60 0.23 -14.58 18.64
N ASP A 61 1.04 -14.90 19.65
CA ASP A 61 0.88 -14.28 20.95
C ASP A 61 1.54 -12.90 21.02
N GLN A 62 2.27 -12.51 19.96
CA GLN A 62 2.94 -11.23 19.90
C GLN A 62 2.27 -10.26 18.94
N VAL A 63 1.19 -10.68 18.27
CA VAL A 63 0.52 -9.81 17.31
C VAL A 63 -0.37 -8.84 18.04
N THR A 64 -0.20 -7.55 17.78
CA THR A 64 -0.95 -6.51 18.45
C THR A 64 -1.75 -5.70 17.44
N LEU A 65 -3.00 -5.39 17.81
CA LEU A 65 -3.85 -4.49 17.04
C LEU A 65 -4.05 -3.22 17.87
N ASN A 66 -3.64 -2.08 17.30
CA ASN A 66 -3.66 -0.80 18.00
C ASN A 66 -2.88 -0.85 19.30
N GLY A 67 -1.81 -1.64 19.33
CA GLY A 67 -1.00 -1.81 20.52
C GLY A 67 -1.53 -2.82 21.52
N LYS A 68 -2.65 -3.46 21.25
CA LYS A 68 -3.25 -4.41 22.17
C LYS A 68 -3.26 -5.80 21.56
N ALA A 69 -3.10 -6.81 22.41
CA ALA A 69 -3.05 -8.19 21.94
C ALA A 69 -4.39 -8.62 21.35
N LEU A 70 -4.33 -9.55 20.40
CA LEU A 70 -5.52 -10.04 19.75
C LEU A 70 -6.41 -10.81 20.72
N HIS A 71 -7.70 -10.81 20.44
CA HIS A 71 -8.65 -11.57 21.25
C HIS A 71 -8.46 -13.05 21.02
N LYS A 72 -8.56 -13.83 22.10
CA LYS A 72 -8.33 -15.26 22.08
C LYS A 72 -9.58 -16.00 22.54
N GLU A 73 -9.89 -17.10 21.85
CA GLU A 73 -11.00 -17.97 22.25
C GLU A 73 -10.48 -19.40 22.32
N THR A 74 -10.57 -20.00 23.51
CA THR A 74 -10.20 -21.40 23.70
C THR A 74 -11.42 -22.25 23.44
N HIS A 75 -11.41 -22.96 22.31
CA HIS A 75 -12.54 -23.77 21.86
C HIS A 75 -12.10 -25.22 21.74
N SER A 76 -12.61 -26.07 22.63
CA SER A 76 -12.28 -27.49 22.64
C SER A 76 -10.78 -27.72 22.77
N GLY A 77 -10.12 -26.89 23.58
CA GLY A 77 -8.71 -27.03 23.84
C GLY A 77 -7.79 -26.41 22.81
N LEU A 78 -8.34 -25.82 21.75
CA LEU A 78 -7.55 -25.20 20.69
C LEU A 78 -7.67 -23.69 20.81
N VAL A 79 -6.54 -23.00 20.86
CA VAL A 79 -6.50 -21.55 21.03
C VAL A 79 -6.58 -20.90 19.66
N TYR A 80 -7.55 -20.02 19.48
CA TYR A 80 -7.76 -19.31 18.23
C TYR A 80 -7.54 -17.82 18.44
N TYR A 81 -6.91 -17.18 17.45
CA TYR A 81 -6.63 -15.75 17.48
C TYR A 81 -7.50 -15.04 16.46
N GLN A 82 -8.01 -13.87 16.83
CA GLN A 82 -9.00 -13.15 16.03
C GLN A 82 -8.39 -11.86 15.49
N LEU A 83 -8.60 -11.63 14.19
CA LEU A 83 -8.28 -10.35 13.55
C LEU A 83 -9.57 -9.73 13.04
N PRO A 84 -10.16 -8.80 13.77
CA PRO A 84 -11.45 -8.23 13.35
C PRO A 84 -11.31 -7.42 12.07
N LEU A 85 -12.40 -7.34 11.32
CA LEU A 85 -12.42 -6.66 10.04
C LEU A 85 -13.55 -5.64 9.99
N MET A 86 -13.31 -4.55 9.27
CA MET A 86 -14.35 -3.59 8.91
C MET A 86 -15.05 -4.10 7.66
N GLY A 87 -16.30 -4.50 7.81
CA GLY A 87 -17.00 -5.13 6.73
C GLY A 87 -16.76 -6.63 6.68
N LYS A 88 -17.17 -7.22 5.56
CA LYS A 88 -17.01 -8.64 5.35
C LYS A 88 -15.64 -8.96 4.77
N ILE A 89 -15.27 -10.23 4.82
CA ILE A 89 -14.07 -10.71 4.16
C ILE A 89 -14.43 -11.09 2.73
N ASN A 90 -13.71 -10.52 1.77
CA ASN A 90 -13.96 -10.75 0.35
C ASN A 90 -12.94 -11.74 -0.18
N PHE A 91 -13.41 -12.91 -0.58
CA PHE A 91 -12.52 -13.96 -1.06
C PHE A 91 -13.04 -14.53 -2.38
N TRP A 92 -12.11 -14.94 -3.23
CA TRP A 92 -12.44 -15.46 -4.55
C TRP A 92 -11.41 -16.52 -4.92
N GLN A 93 -11.76 -17.35 -5.89
CA GLN A 93 -10.83 -18.33 -6.41
C GLN A 93 -9.67 -17.61 -7.09
N GLN A 94 -8.46 -18.01 -6.76
CA GLN A 94 -7.28 -17.28 -7.20
C GLN A 94 -7.11 -17.41 -8.71
N GLY A 95 -6.90 -16.28 -9.38
CA GLY A 95 -6.73 -16.25 -10.82
C GLY A 95 -8.01 -16.26 -11.61
N THR A 96 -9.17 -16.31 -10.96
CA THR A 96 -10.45 -16.40 -11.63
C THR A 96 -11.41 -15.35 -11.11
N THR A 97 -12.41 -15.04 -11.92
CA THR A 97 -13.49 -14.14 -11.51
C THR A 97 -14.41 -14.80 -10.48
N LYS A 98 -14.48 -16.12 -10.47
CA LYS A 98 -15.26 -16.89 -9.51
C LYS A 98 -15.02 -16.39 -8.08
N ALA A 99 -16.06 -15.88 -7.45
CA ALA A 99 -15.96 -15.19 -6.17
C ALA A 99 -16.84 -15.84 -5.13
N GLY A 100 -16.25 -16.22 -4.00
CA GLY A 100 -17.01 -16.82 -2.92
C GLY A 100 -17.67 -15.81 -2.01
N TYR A 101 -18.61 -16.28 -1.21
CA TYR A 101 -19.33 -15.45 -0.26
C TYR A 101 -19.33 -16.12 1.11
N THR A 102 -19.56 -15.30 2.13
CA THR A 102 -19.44 -15.74 3.51
C THR A 102 -20.76 -16.30 4.03
N TYR A 103 -20.75 -16.75 5.29
CA TYR A 103 -21.95 -17.32 5.88
C TYR A 103 -23.03 -16.29 6.08
N ASN A 104 -22.68 -15.13 6.65
CA ASN A 104 -23.64 -14.07 6.95
C ASN A 104 -23.78 -13.12 5.77
N TYR A 105 -24.20 -13.70 4.63
CA TYR A 105 -24.30 -12.95 3.38
C TYR A 105 -25.57 -12.12 3.26
N ASN A 106 -26.59 -12.36 4.09
CA ASN A 106 -27.70 -11.41 4.23
C ASN A 106 -27.56 -10.51 5.45
N THR A 107 -26.84 -10.92 6.49
CA THR A 107 -26.77 -10.10 7.67
C THR A 107 -25.86 -8.90 7.44
N THR A 108 -25.90 -7.97 8.38
CA THR A 108 -25.12 -6.74 8.31
C THR A 108 -23.85 -6.83 9.17
N ASP A 109 -23.55 -8.02 9.69
CA ASP A 109 -22.40 -8.20 10.56
C ASP A 109 -21.09 -8.18 9.79
N SER A 110 -20.02 -7.79 10.48
CA SER A 110 -18.69 -7.83 9.90
C SER A 110 -18.06 -9.21 10.08
N ASP A 111 -16.95 -9.42 9.38
CA ASP A 111 -16.25 -10.69 9.41
C ASP A 111 -14.97 -10.58 10.23
N SER A 112 -14.31 -11.72 10.41
CA SER A 112 -13.07 -11.77 11.16
C SER A 112 -12.18 -12.85 10.57
N LEU A 113 -10.87 -12.68 10.76
CA LEU A 113 -9.89 -13.67 10.35
C LEU A 113 -9.45 -14.46 11.57
N TRP A 114 -9.59 -15.78 11.52
CA TRP A 114 -9.31 -16.65 12.64
C TRP A 114 -8.06 -17.48 12.35
N VAL A 115 -7.13 -17.47 13.30
CA VAL A 115 -5.88 -18.22 13.19
C VAL A 115 -5.77 -19.18 14.36
N TRP A 116 -5.52 -20.45 14.05
CA TRP A 116 -5.17 -21.44 15.06
C TRP A 116 -3.67 -21.57 15.12
N TRP A 117 -3.10 -21.49 16.32
CA TRP A 117 -1.67 -21.61 16.52
C TRP A 117 -1.40 -22.67 17.57
N ASP A 118 -0.37 -23.49 17.33
CA ASP A 118 0.03 -24.52 18.27
C ASP A 118 1.14 -24.05 19.20
N GLY A 119 1.58 -22.80 19.09
CA GLY A 119 2.73 -22.32 19.83
C GLY A 119 4.06 -22.61 19.17
N GLY A 120 4.07 -23.25 18.01
CA GLY A 120 5.31 -23.57 17.31
C GLY A 120 5.36 -22.97 15.92
N SER A 121 5.47 -23.84 14.91
CA SER A 121 5.56 -23.42 13.51
C SER A 121 4.45 -24.05 12.68
N LYS A 122 3.25 -24.13 13.26
CA LYS A 122 2.08 -24.69 12.57
C LYS A 122 0.88 -23.80 12.87
N ALA A 123 0.38 -23.12 11.84
CA ALA A 123 -0.76 -22.21 12.01
C ALA A 123 -1.79 -22.47 10.92
N TYR A 124 -3.05 -22.37 11.29
CA TYR A 124 -4.18 -22.59 10.40
C TYR A 124 -4.96 -21.29 10.27
N LEU A 125 -5.19 -20.84 9.05
CA LEU A 125 -5.96 -19.62 8.80
C LEU A 125 -7.34 -19.99 8.30
N TYR A 126 -8.37 -19.43 8.93
CA TYR A 126 -9.76 -19.73 8.63
C TYR A 126 -10.47 -18.49 8.11
N ILE A 127 -11.27 -18.66 7.06
CA ILE A 127 -12.11 -17.60 6.52
C ILE A 127 -13.54 -18.13 6.43
N SER A 128 -14.50 -17.28 6.76
CA SER A 128 -15.90 -17.70 6.80
C SER A 128 -16.43 -17.98 5.40
N THR A 129 -17.18 -19.07 5.28
CA THR A 129 -17.84 -19.42 4.03
C THR A 129 -19.22 -19.98 4.35
N TYR A 130 -20.09 -19.98 3.35
CA TYR A 130 -21.43 -20.53 3.49
C TYR A 130 -21.52 -21.98 3.04
N THR A 131 -21.09 -22.28 1.83
CA THR A 131 -21.13 -23.64 1.30
C THR A 131 -19.86 -23.86 0.48
N THR A 132 -19.83 -24.96 -0.27
CA THR A 132 -18.71 -25.29 -1.15
C THR A 132 -18.86 -24.64 -2.52
N MET A 133 -19.06 -23.32 -2.53
CA MET A 133 -19.23 -22.59 -3.79
C MET A 133 -17.95 -22.53 -4.60
N LEU A 134 -16.80 -22.66 -3.96
CA LEU A 134 -15.52 -22.70 -4.65
C LEU A 134 -14.96 -24.13 -4.76
N GLY A 135 -15.74 -25.12 -4.37
CA GLY A 135 -15.32 -26.50 -4.41
C GLY A 135 -14.99 -27.04 -3.02
N ALA A 136 -14.97 -28.38 -2.92
CA ALA A 136 -14.66 -29.01 -1.65
C ALA A 136 -13.19 -28.90 -1.29
N GLY A 137 -12.33 -28.64 -2.26
CA GLY A 137 -10.91 -28.50 -2.01
C GLY A 137 -10.10 -29.65 -2.57
N PRO A 138 -8.79 -29.43 -2.74
CA PRO A 138 -8.03 -28.20 -2.48
C PRO A 138 -8.28 -27.12 -3.52
N VAL A 139 -8.25 -25.86 -3.13
CA VAL A 139 -8.50 -24.75 -4.05
C VAL A 139 -7.75 -23.52 -3.53
N ASN A 140 -7.14 -22.77 -4.45
CA ASN A 140 -6.40 -21.57 -4.10
C ASN A 140 -7.36 -20.41 -3.96
N ILE A 141 -7.35 -19.75 -2.80
CA ILE A 141 -8.28 -18.68 -2.49
C ILE A 141 -7.50 -17.46 -2.05
N THR A 142 -7.91 -16.29 -2.56
CA THR A 142 -7.34 -15.01 -2.17
C THR A 142 -8.41 -14.18 -1.47
N GLY A 143 -8.09 -13.68 -0.30
CA GLY A 143 -9.03 -12.90 0.49
C GLY A 143 -8.53 -11.50 0.76
N LEU A 144 -9.46 -10.56 0.84
CA LEU A 144 -9.16 -9.15 1.07
C LEU A 144 -10.10 -8.59 2.14
N GLY A 145 -9.56 -7.76 3.02
CA GLY A 145 -10.36 -7.17 4.07
C GLY A 145 -9.66 -5.98 4.69
N ALA A 146 -10.44 -5.20 5.43
CA ALA A 146 -9.94 -4.02 6.13
C ALA A 146 -10.07 -4.26 7.63
N VAL A 147 -8.99 -4.00 8.37
CA VAL A 147 -8.95 -4.31 9.80
C VAL A 147 -9.90 -3.40 10.56
N GLY A 148 -10.70 -3.99 11.44
CA GLY A 148 -11.66 -3.26 12.24
C GLY A 148 -11.11 -2.86 13.59
N PRO A 149 -11.98 -2.33 14.45
CA PRO A 149 -11.55 -1.91 15.79
C PRO A 149 -11.31 -3.11 16.70
N ASN A 150 -10.67 -2.83 17.83
CA ASN A 150 -10.38 -3.87 18.81
C ASN A 150 -11.69 -4.37 19.42
N PRO A 151 -11.81 -5.69 19.64
CA PRO A 151 -13.02 -6.21 20.30
C PRO A 151 -13.19 -5.62 21.69
N VAL A 152 -14.44 -5.34 22.05
CA VAL A 152 -14.76 -4.77 23.35
C VAL A 152 -15.76 -5.66 24.07
N ALA B 1 11.30 8.62 -6.33
CA ALA B 1 10.76 8.25 -7.63
C ALA B 1 9.31 8.72 -7.77
N PRO B 2 8.93 9.14 -8.98
CA PRO B 2 7.54 9.55 -9.20
C PRO B 2 6.57 8.42 -8.90
N ALA B 3 5.41 8.78 -8.37
CA ALA B 3 4.39 7.82 -7.99
C ALA B 3 3.51 7.49 -9.18
N ARG B 4 2.96 6.28 -9.15
CA ARG B 4 2.06 5.85 -10.22
C ARG B 4 0.74 6.61 -10.11
N PRO B 5 0.34 7.35 -11.14
CA PRO B 5 -0.90 8.15 -11.02
C PRO B 5 -2.13 7.26 -10.87
N ILE B 6 -3.13 7.80 -10.17
CA ILE B 6 -4.38 7.09 -9.97
C ILE B 6 -5.15 6.87 -11.27
N THR B 7 -4.76 7.58 -12.34
CA THR B 7 -5.40 7.39 -13.63
C THR B 7 -5.02 6.05 -14.25
N ASN B 8 -3.85 5.52 -13.91
CA ASN B 8 -3.35 4.28 -14.50
C ASN B 8 -3.49 3.15 -13.48
N TRP B 9 -4.21 2.09 -13.86
CA TRP B 9 -4.53 0.99 -12.97
C TRP B 9 -3.95 -0.31 -13.51
N ARG B 10 -3.76 -1.28 -12.61
CA ARG B 10 -3.24 -2.58 -12.95
C ARG B 10 -4.07 -3.65 -12.26
N SER B 11 -4.08 -4.86 -12.83
CA SER B 11 -4.79 -5.96 -12.22
C SER B 11 -4.14 -6.37 -10.90
N GLY B 12 -4.97 -6.67 -9.91
CA GLY B 12 -4.49 -6.94 -8.57
C GLY B 12 -4.34 -5.72 -7.69
N ASP B 13 -4.63 -4.53 -8.21
CA ASP B 13 -4.58 -3.32 -7.41
C ASP B 13 -5.72 -3.31 -6.40
N VAL B 14 -5.42 -2.84 -5.19
CA VAL B 14 -6.44 -2.73 -4.15
C VAL B 14 -7.01 -1.32 -4.18
N VAL B 15 -8.33 -1.22 -4.30
CA VAL B 15 -9.01 0.05 -4.46
C VAL B 15 -9.76 0.39 -3.17
N TRP B 16 -9.67 1.65 -2.77
CA TRP B 16 -10.38 2.18 -1.62
C TRP B 16 -11.26 3.33 -2.09
N VAL B 17 -12.57 3.21 -1.86
CA VAL B 17 -13.54 4.19 -2.33
C VAL B 17 -14.30 4.74 -1.13
N THR B 18 -14.39 6.07 -1.06
CA THR B 18 -15.19 6.75 -0.06
C THR B 18 -16.46 7.28 -0.73
N LEU B 19 -17.61 7.10 -0.08
CA LEU B 19 -18.89 7.52 -0.61
C LEU B 19 -19.58 8.42 0.41
N PRO B 20 -19.14 9.67 0.54
CA PRO B 20 -19.77 10.59 1.50
C PRO B 20 -21.19 10.93 1.08
N SER B 21 -22.18 10.83 1.93
CA SER B 21 -23.55 11.20 1.58
C SER B 21 -24.11 10.28 0.50
N ALA B 22 -23.82 9.12 0.64
CA ALA B 22 -24.30 8.27 -0.44
C ALA B 22 -25.82 8.13 -0.39
N GLU B 23 -26.44 8.14 -1.56
CA GLU B 23 -27.87 7.97 -1.70
C GLU B 23 -28.17 6.61 -2.32
N TYR B 24 -29.42 6.17 -2.15
CA TYR B 24 -29.87 4.89 -2.65
C TYR B 24 -30.65 5.07 -3.94
N ALA B 25 -30.35 4.24 -4.93
CA ALA B 25 -31.06 4.21 -6.20
C ALA B 25 -31.72 2.85 -6.36
N GLN B 26 -33.00 2.85 -6.71
CA GLN B 26 -33.73 1.58 -6.82
C GLN B 26 -33.23 0.77 -8.01
N SER B 27 -32.95 1.41 -9.14
CA SER B 27 -32.52 0.72 -10.34
C SER B 27 -31.43 1.53 -11.04
N GLN B 28 -30.31 0.88 -11.33
CA GLN B 28 -29.20 1.49 -12.04
C GLN B 28 -29.02 0.78 -13.38
N SER B 29 -28.97 1.56 -14.46
N SER B 29 -28.96 1.57 -14.46
CA SER B 29 -28.90 0.98 -15.79
CA SER B 29 -28.89 0.99 -15.79
C SER B 29 -27.60 0.21 -16.01
C SER B 29 -27.60 0.21 -16.01
N ALA B 30 -26.48 0.74 -15.50
CA ALA B 30 -25.20 0.07 -15.70
C ALA B 30 -25.11 -1.27 -14.98
N MET B 31 -25.94 -1.50 -13.96
CA MET B 31 -25.98 -2.78 -13.26
C MET B 31 -27.23 -3.58 -13.60
N GLY B 32 -27.79 -3.37 -14.79
CA GLY B 32 -28.96 -4.12 -15.21
C GLY B 32 -30.21 -3.86 -14.41
N SER B 33 -30.52 -2.59 -14.13
CA SER B 33 -31.71 -2.19 -13.39
C SER B 33 -31.74 -2.85 -12.01
N HIS B 34 -30.68 -2.61 -11.26
CA HIS B 34 -30.51 -3.17 -9.92
C HIS B 34 -30.16 -2.06 -8.95
N PRO B 35 -30.44 -2.24 -7.66
CA PRO B 35 -30.18 -1.18 -6.68
C PRO B 35 -28.69 -0.87 -6.57
N ALA B 36 -28.40 0.39 -6.25
CA ALA B 36 -27.02 0.84 -6.09
C ALA B 36 -26.97 1.98 -5.10
N TYR B 37 -25.79 2.16 -4.51
CA TYR B 37 -25.48 3.32 -3.68
C TYR B 37 -24.54 4.22 -4.45
N TRP B 38 -24.87 5.51 -4.53
CA TRP B 38 -24.09 6.45 -5.33
C TRP B 38 -23.80 7.70 -4.53
N SER B 39 -22.65 8.31 -4.82
CA SER B 39 -22.20 9.52 -4.15
C SER B 39 -21.78 10.56 -5.18
N GLU B 40 -21.96 11.83 -4.80
CA GLU B 40 -21.58 12.95 -5.64
C GLU B 40 -20.15 13.40 -5.41
N GLU B 41 -19.60 13.15 -4.22
CA GLU B 41 -18.26 13.62 -3.88
C GLU B 41 -17.38 12.46 -3.45
N ALA B 42 -17.39 11.38 -4.24
CA ALA B 42 -16.63 10.19 -3.88
C ALA B 42 -15.14 10.41 -4.08
N THR B 43 -14.34 9.66 -3.33
CA THR B 43 -12.89 9.72 -3.41
C THR B 43 -12.34 8.31 -3.63
N ILE B 44 -11.39 8.19 -4.55
CA ILE B 44 -10.79 6.91 -4.91
C ILE B 44 -9.33 6.92 -4.46
N ILE B 45 -8.88 5.81 -3.87
CA ILE B 45 -7.52 5.69 -3.37
C ILE B 45 -6.93 4.37 -3.85
N ASN B 46 -5.70 4.41 -4.36
CA ASN B 46 -4.91 3.22 -4.61
C ASN B 46 -4.13 2.93 -3.34
N VAL B 47 -4.50 1.85 -2.63
CA VAL B 47 -3.96 1.60 -1.31
C VAL B 47 -2.46 1.33 -1.35
N ALA B 48 -2.02 0.52 -2.31
CA ALA B 48 -0.61 0.12 -2.35
C ALA B 48 0.28 1.31 -2.67
N THR B 49 -0.10 2.13 -3.65
CA THR B 49 0.69 3.29 -4.03
C THR B 49 0.44 4.50 -3.14
N GLY B 50 -0.72 4.57 -2.49
CA GLY B 50 -1.06 5.72 -1.67
C GLY B 50 -1.61 6.92 -2.41
N GLN B 51 -1.75 6.83 -3.73
CA GLN B 51 -2.26 7.94 -4.50
C GLN B 51 -3.78 8.05 -4.33
N ARG B 52 -4.29 9.26 -4.59
CA ARG B 52 -5.67 9.58 -4.27
C ARG B 52 -6.17 10.65 -5.22
N ALA B 53 -7.48 10.76 -5.33
CA ALA B 53 -8.12 11.81 -6.12
C ALA B 53 -9.61 11.76 -5.87
N ALA B 54 -10.26 12.89 -6.07
CA ALA B 54 -11.72 12.93 -6.09
C ALA B 54 -12.22 12.40 -7.42
N VAL B 55 -13.32 11.65 -7.36
CA VAL B 55 -13.84 11.01 -8.58
C VAL B 55 -14.24 12.06 -9.61
N SER B 56 -14.78 13.19 -9.15
CA SER B 56 -15.15 14.26 -10.05
C SER B 56 -13.94 14.95 -10.69
N SER B 57 -12.75 14.79 -10.12
N SER B 57 -12.75 14.79 -10.12
CA SER B 57 -11.55 15.44 -10.61
CA SER B 57 -11.55 15.44 -10.61
C SER B 57 -10.77 14.59 -11.60
C SER B 57 -10.77 14.59 -11.60
N ILE B 58 -11.23 13.39 -11.92
CA ILE B 58 -10.54 12.49 -12.83
C ILE B 58 -11.19 12.59 -14.20
N LYS B 59 -10.35 12.74 -15.24
CA LYS B 59 -10.79 12.64 -16.62
C LYS B 59 -10.91 11.15 -16.94
N TRP B 60 -12.13 10.62 -16.91
CA TRP B 60 -12.33 9.19 -16.93
C TRP B 60 -12.15 8.57 -18.31
N ASP B 61 -12.10 9.37 -19.37
CA ASP B 61 -11.76 8.84 -20.69
C ASP B 61 -10.27 8.59 -20.85
N GLN B 62 -9.46 8.98 -19.86
CA GLN B 62 -8.02 8.76 -19.89
C GLN B 62 -7.57 7.68 -18.91
N VAL B 63 -8.49 7.03 -18.21
CA VAL B 63 -8.13 6.02 -17.23
C VAL B 63 -7.89 4.69 -17.95
N THR B 64 -6.74 4.08 -17.69
CA THR B 64 -6.35 2.84 -18.34
C THR B 64 -6.17 1.74 -17.31
N LEU B 65 -6.65 0.55 -17.65
CA LEU B 65 -6.40 -0.66 -16.88
C LEU B 65 -5.51 -1.57 -17.69
N ASN B 66 -4.33 -1.89 -17.15
CA ASN B 66 -3.31 -2.68 -17.84
C ASN B 66 -2.95 -2.06 -19.18
N GLY B 67 -2.94 -0.73 -19.26
CA GLY B 67 -2.63 -0.03 -20.47
C GLY B 67 -3.78 0.12 -21.45
N LYS B 68 -4.97 -0.36 -21.12
CA LYS B 68 -6.11 -0.30 -22.01
C LYS B 68 -7.22 0.52 -21.36
N ALA B 69 -7.97 1.24 -22.20
CA ALA B 69 -9.03 2.11 -21.71
C ALA B 69 -10.15 1.29 -21.06
N LEU B 70 -10.82 1.90 -20.09
CA LEU B 70 -11.91 1.23 -19.40
C LEU B 70 -13.08 0.97 -20.34
N HIS B 71 -13.83 -0.08 -20.03
CA HIS B 71 -15.02 -0.40 -20.82
C HIS B 71 -16.09 0.66 -20.61
N LYS B 72 -16.78 1.01 -21.70
CA LYS B 72 -17.79 2.05 -21.68
C LYS B 72 -19.15 1.46 -22.06
N GLU B 73 -20.19 1.88 -21.36
CA GLU B 73 -21.55 1.46 -21.64
C GLU B 73 -22.44 2.70 -21.71
N THR B 74 -23.02 2.95 -22.89
CA THR B 74 -23.94 4.07 -23.07
C THR B 74 -25.35 3.58 -22.78
N HIS B 75 -25.91 4.04 -21.66
CA HIS B 75 -27.23 3.61 -21.20
C HIS B 75 -28.13 4.82 -21.09
N SER B 76 -29.14 4.88 -21.96
CA SER B 76 -30.12 5.98 -21.98
C SER B 76 -29.42 7.33 -22.15
N GLY B 77 -28.40 7.36 -23.02
CA GLY B 77 -27.70 8.59 -23.31
C GLY B 77 -26.63 8.98 -22.30
N LEU B 78 -26.43 8.20 -21.25
CA LEU B 78 -25.44 8.48 -20.22
C LEU B 78 -24.29 7.49 -20.35
N VAL B 79 -23.07 8.00 -20.40
CA VAL B 79 -21.88 7.18 -20.59
C VAL B 79 -21.34 6.78 -19.22
N TYR B 80 -21.21 5.47 -18.99
CA TYR B 80 -20.70 4.93 -17.75
C TYR B 80 -19.39 4.21 -18.00
N TYR B 81 -18.45 4.36 -17.07
CA TYR B 81 -17.15 3.72 -17.16
C TYR B 81 -17.04 2.64 -16.10
N GLN B 82 -16.42 1.52 -16.45
CA GLN B 82 -16.42 0.32 -15.62
C GLN B 82 -15.01 0.03 -15.11
N LEU B 83 -14.91 -0.27 -13.82
CA LEU B 83 -13.67 -0.76 -13.21
C LEU B 83 -13.93 -2.16 -12.67
N PRO B 84 -13.51 -3.21 -13.37
CA PRO B 84 -13.80 -4.57 -12.91
C PRO B 84 -13.03 -4.92 -11.65
N LEU B 85 -13.57 -5.88 -10.90
CA LEU B 85 -13.00 -6.28 -9.63
C LEU B 85 -12.84 -7.80 -9.57
N MET B 86 -11.80 -8.25 -8.87
CA MET B 86 -11.65 -9.65 -8.49
C MET B 86 -12.44 -9.88 -7.21
N GLY B 87 -13.55 -10.57 -7.31
CA GLY B 87 -14.43 -10.74 -6.18
C GLY B 87 -15.48 -9.65 -6.10
N LYS B 88 -16.18 -9.65 -4.97
CA LYS B 88 -17.22 -8.68 -4.72
C LYS B 88 -16.62 -7.39 -4.15
N ILE B 89 -17.44 -6.34 -4.14
CA ILE B 89 -17.05 -5.07 -3.53
C ILE B 89 -17.52 -5.08 -2.08
N ASN B 90 -16.60 -4.91 -1.14
CA ASN B 90 -16.90 -4.95 0.28
C ASN B 90 -17.06 -3.52 0.78
N PHE B 91 -18.28 -3.16 1.16
CA PHE B 91 -18.59 -1.80 1.59
C PHE B 91 -19.32 -1.85 2.93
N TRP B 92 -19.10 -0.81 3.73
CA TRP B 92 -19.68 -0.73 5.07
C TRP B 92 -19.88 0.74 5.43
N GLN B 93 -20.70 0.96 6.45
CA GLN B 93 -20.92 2.32 6.94
C GLN B 93 -19.65 2.85 7.61
N GLN B 94 -19.35 4.12 7.33
CA GLN B 94 -18.11 4.73 7.82
C GLN B 94 -18.07 4.74 9.35
N GLY B 95 -16.97 4.24 9.90
CA GLY B 95 -16.75 4.26 11.33
C GLY B 95 -17.54 3.24 12.12
N THR B 96 -18.30 2.36 11.47
CA THR B 96 -19.14 1.39 12.15
C THR B 96 -18.85 -0.01 11.62
N THR B 97 -19.13 -1.00 12.47
CA THR B 97 -19.05 -2.40 12.07
C THR B 97 -20.16 -2.77 11.10
N LYS B 98 -21.27 -2.03 11.11
CA LYS B 98 -22.38 -2.23 10.18
C LYS B 98 -21.88 -2.33 8.74
N ALA B 99 -22.10 -3.49 8.13
CA ALA B 99 -21.50 -3.82 6.83
C ALA B 99 -22.59 -4.19 5.83
N GLY B 100 -22.62 -3.49 4.70
CA GLY B 100 -23.58 -3.79 3.67
C GLY B 100 -23.18 -4.98 2.80
N TYR B 101 -24.10 -5.36 1.93
CA TYR B 101 -23.88 -6.46 0.99
C TYR B 101 -24.44 -6.08 -0.38
N THR B 102 -23.94 -6.76 -1.40
CA THR B 102 -24.27 -6.40 -2.78
C THR B 102 -25.51 -7.15 -3.25
N TYR B 103 -25.92 -6.88 -4.49
CA TYR B 103 -27.10 -7.53 -5.06
C TYR B 103 -26.87 -9.03 -5.23
N ASN B 104 -25.72 -9.41 -5.76
CA ASN B 104 -25.41 -10.81 -6.05
C ASN B 104 -24.72 -11.49 -4.87
N TYR B 105 -25.31 -11.36 -3.68
CA TYR B 105 -24.74 -12.00 -2.50
C TYR B 105 -24.84 -13.52 -2.56
N ASN B 106 -25.89 -14.04 -3.21
CA ASN B 106 -26.01 -15.49 -3.41
C ASN B 106 -25.09 -16.01 -4.50
N THR B 107 -24.87 -15.24 -5.55
CA THR B 107 -24.19 -15.74 -6.72
C THR B 107 -22.68 -15.75 -6.52
N THR B 108 -21.97 -16.29 -7.51
CA THR B 108 -20.53 -16.37 -7.50
C THR B 108 -19.89 -15.29 -8.37
N ASP B 109 -20.69 -14.37 -8.89
CA ASP B 109 -20.19 -13.36 -9.81
C ASP B 109 -19.38 -12.29 -9.09
N SER B 110 -18.36 -11.77 -9.77
CA SER B 110 -17.57 -10.67 -9.24
C SER B 110 -18.32 -9.35 -9.43
N ASP B 111 -17.83 -8.31 -8.76
CA ASP B 111 -18.44 -7.01 -8.78
C ASP B 111 -17.62 -6.04 -9.63
N SER B 112 -18.15 -4.83 -9.80
CA SER B 112 -17.50 -3.81 -10.61
C SER B 112 -17.82 -2.44 -10.04
N LEU B 113 -16.95 -1.47 -10.32
CA LEU B 113 -17.17 -0.09 -9.94
C LEU B 113 -17.59 0.70 -11.17
N TRP B 114 -18.70 1.43 -11.06
CA TRP B 114 -19.27 2.16 -12.17
C TRP B 114 -19.20 3.66 -11.90
N VAL B 115 -18.71 4.42 -12.88
CA VAL B 115 -18.58 5.86 -12.78
C VAL B 115 -19.33 6.50 -13.93
N TRP B 116 -20.19 7.46 -13.62
CA TRP B 116 -20.82 8.30 -14.64
C TRP B 116 -20.05 9.61 -14.73
N TRP B 117 -19.64 9.96 -15.94
CA TRP B 117 -18.89 11.18 -16.18
C TRP B 117 -19.58 12.02 -17.24
N ASP B 118 -19.64 13.33 -17.01
CA ASP B 118 -20.25 14.26 -17.94
C ASP B 118 -19.23 14.86 -18.90
N GLY B 119 -17.96 14.49 -18.81
CA GLY B 119 -16.92 15.12 -19.57
C GLY B 119 -16.36 16.39 -18.95
N GLY B 120 -16.88 16.80 -17.79
CA GLY B 120 -16.41 17.99 -17.13
C GLY B 120 -15.86 17.73 -15.74
N SER B 121 -16.48 18.31 -14.72
CA SER B 121 -16.07 18.16 -13.34
C SER B 121 -17.20 17.61 -12.48
N LYS B 122 -17.99 16.70 -13.05
CA LYS B 122 -19.11 16.08 -12.34
C LYS B 122 -19.07 14.58 -12.60
N ALA B 123 -18.79 13.79 -11.57
CA ALA B 123 -18.72 12.34 -11.70
C ALA B 123 -19.48 11.69 -10.57
N TYR B 124 -20.20 10.60 -10.89
CA TYR B 124 -20.99 9.85 -9.93
C TYR B 124 -20.41 8.45 -9.82
N LEU B 125 -20.11 8.01 -8.60
CA LEU B 125 -19.58 6.68 -8.36
C LEU B 125 -20.69 5.79 -7.83
N TYR B 126 -20.86 4.62 -8.46
CA TYR B 126 -21.93 3.68 -8.12
C TYR B 126 -21.34 2.38 -7.60
N ILE B 127 -21.92 1.85 -6.53
CA ILE B 127 -21.56 0.55 -5.99
C ILE B 127 -22.82 -0.28 -5.84
N SER B 128 -22.72 -1.56 -6.18
CA SER B 128 -23.88 -2.43 -6.17
C SER B 128 -24.36 -2.70 -4.75
N THR B 129 -25.67 -2.69 -4.56
CA THR B 129 -26.29 -3.00 -3.29
C THR B 129 -27.58 -3.79 -3.54
N TYR B 130 -28.03 -4.49 -2.50
CA TYR B 130 -29.25 -5.27 -2.61
C TYR B 130 -30.48 -4.47 -2.19
N THR B 131 -30.46 -3.93 -0.97
CA THR B 131 -31.57 -3.13 -0.44
C THR B 131 -30.98 -1.97 0.32
N THR B 132 -31.84 -1.27 1.08
CA THR B 132 -31.43 -0.16 1.93
C THR B 132 -30.96 -0.64 3.30
N MET B 133 -30.01 -1.58 3.30
CA MET B 133 -29.52 -2.15 4.56
C MET B 133 -28.70 -1.14 5.35
N LEU B 134 -28.11 -0.15 4.68
CA LEU B 134 -27.36 0.90 5.34
C LEU B 134 -28.16 2.19 5.46
N GLY B 135 -29.44 2.15 5.15
CA GLY B 135 -30.28 3.33 5.20
C GLY B 135 -30.59 3.88 3.82
N ALA B 136 -31.64 4.69 3.75
CA ALA B 136 -32.03 5.29 2.47
C ALA B 136 -31.11 6.43 2.06
N GLY B 137 -30.32 6.96 3.00
CA GLY B 137 -29.41 8.03 2.69
C GLY B 137 -29.86 9.36 3.27
N PRO B 138 -28.93 10.31 3.41
CA PRO B 138 -27.49 10.22 3.09
C PRO B 138 -26.72 9.41 4.13
N VAL B 139 -25.71 8.65 3.69
CA VAL B 139 -24.93 7.80 4.57
C VAL B 139 -23.52 7.72 4.03
N ASN B 140 -22.53 7.76 4.93
CA ASN B 140 -21.14 7.67 4.55
C ASN B 140 -20.74 6.20 4.45
N ILE B 141 -20.25 5.79 3.28
CA ILE B 141 -19.95 4.40 2.98
C ILE B 141 -18.51 4.30 2.51
N THR B 142 -17.77 3.33 3.06
CA THR B 142 -16.41 3.02 2.61
C THR B 142 -16.41 1.65 1.97
N GLY B 143 -15.86 1.55 0.77
CA GLY B 143 -15.81 0.30 0.04
C GLY B 143 -14.38 -0.12 -0.25
N LEU B 144 -14.19 -1.44 -0.40
CA LEU B 144 -12.88 -2.01 -0.68
C LEU B 144 -13.02 -3.07 -1.77
N GLY B 145 -12.02 -3.14 -2.64
CA GLY B 145 -12.04 -4.13 -3.71
C GLY B 145 -10.67 -4.29 -4.32
N ALA B 146 -10.55 -5.33 -5.14
CA ALA B 146 -9.32 -5.65 -5.86
C ALA B 146 -9.60 -5.63 -7.35
N VAL B 147 -8.77 -4.91 -8.10
CA VAL B 147 -9.04 -4.67 -9.51
C VAL B 147 -8.91 -5.97 -10.30
N GLY B 148 -9.89 -6.23 -11.16
CA GLY B 148 -9.93 -7.44 -11.94
C GLY B 148 -9.28 -7.31 -13.30
N PRO B 149 -9.38 -8.37 -14.11
CA PRO B 149 -8.81 -8.33 -15.46
C PRO B 149 -9.63 -7.47 -16.39
N ASN B 150 -9.03 -7.14 -17.52
CA ASN B 150 -9.71 -6.33 -18.53
C ASN B 150 -10.88 -7.12 -19.13
N PRO B 151 -12.04 -6.48 -19.29
CA PRO B 151 -13.19 -7.18 -19.87
C PRO B 151 -12.87 -7.67 -21.28
N VAL B 152 -13.38 -8.86 -21.60
CA VAL B 152 -13.16 -9.46 -22.91
C VAL B 152 -14.50 -9.74 -23.59
N GLN C 1 20.36 -17.90 -0.71
CA GLN C 1 20.38 -17.78 -2.16
C GLN C 1 19.31 -18.68 -2.79
N VAL C 2 18.32 -18.06 -3.41
CA VAL C 2 17.26 -18.81 -4.08
C VAL C 2 17.75 -19.29 -5.43
N GLN C 3 17.29 -20.47 -5.84
CA GLN C 3 17.69 -21.09 -7.09
C GLN C 3 16.48 -21.36 -7.96
N LEU C 4 16.63 -21.10 -9.26
CA LEU C 4 15.60 -21.38 -10.25
C LEU C 4 16.07 -22.52 -11.13
N VAL C 5 15.37 -23.64 -11.10
CA VAL C 5 15.73 -24.84 -11.85
C VAL C 5 14.63 -25.13 -12.87
N GLN C 6 15.02 -25.27 -14.13
CA GLN C 6 14.08 -25.53 -15.21
C GLN C 6 14.16 -26.98 -15.65
N SER C 7 13.13 -27.41 -16.38
CA SER C 7 13.07 -28.77 -16.88
C SER C 7 14.10 -28.97 -18.00
N GLY C 8 14.26 -30.22 -18.41
CA GLY C 8 15.25 -30.56 -19.40
C GLY C 8 14.87 -30.13 -20.80
N ALA C 9 15.86 -30.19 -21.69
CA ALA C 9 15.66 -29.80 -23.08
C ALA C 9 14.72 -30.79 -23.78
N GLU C 10 13.95 -30.26 -24.72
CA GLU C 10 12.97 -31.05 -25.44
C GLU C 10 13.09 -30.80 -26.94
N VAL C 11 12.75 -31.82 -27.73
CA VAL C 11 12.67 -31.72 -29.18
C VAL C 11 11.24 -32.02 -29.59
N LYS C 12 10.63 -31.13 -30.35
CA LYS C 12 9.24 -31.24 -30.74
C LYS C 12 9.08 -30.99 -32.23
N LYS C 13 8.13 -31.67 -32.84
CA LYS C 13 7.82 -31.47 -34.25
C LYS C 13 7.03 -30.18 -34.44
N PRO C 14 7.09 -29.58 -35.63
CA PRO C 14 6.32 -28.36 -35.89
C PRO C 14 4.82 -28.59 -35.71
N GLY C 15 4.14 -27.59 -35.17
CA GLY C 15 2.73 -27.66 -34.92
C GLY C 15 2.33 -28.23 -33.57
N SER C 16 3.28 -28.72 -32.79
CA SER C 16 2.98 -29.29 -31.48
C SER C 16 3.03 -28.20 -30.42
N SER C 17 2.96 -28.59 -29.15
CA SER C 17 3.00 -27.67 -28.03
C SER C 17 3.99 -28.19 -26.99
N VAL C 18 4.66 -27.26 -26.30
CA VAL C 18 5.66 -27.60 -25.31
C VAL C 18 5.29 -26.90 -24.00
N LYS C 19 5.75 -27.49 -22.89
CA LYS C 19 5.51 -26.96 -21.56
C LYS C 19 6.81 -27.01 -20.77
N VAL C 20 7.32 -25.84 -20.37
CA VAL C 20 8.57 -25.73 -19.63
C VAL C 20 8.24 -25.30 -18.21
N SER C 21 8.79 -26.00 -17.24
CA SER C 21 8.55 -25.73 -15.82
C SER C 21 9.79 -25.10 -15.20
N CYS C 22 9.55 -24.21 -14.25
CA CYS C 22 10.61 -23.55 -13.49
C CYS C 22 10.41 -23.83 -12.01
N LYS C 23 11.45 -24.35 -11.36
CA LYS C 23 11.37 -24.77 -9.96
C LYS C 23 12.07 -23.73 -9.08
N THR C 24 11.43 -23.38 -7.96
CA THR C 24 11.98 -22.45 -6.99
C THR C 24 12.42 -23.23 -5.76
N SER C 25 13.73 -23.26 -5.52
CA SER C 25 14.30 -23.96 -4.39
C SER C 25 15.01 -22.96 -3.48
N GLY C 26 15.05 -23.27 -2.19
CA GLY C 26 15.58 -22.35 -1.21
C GLY C 26 14.59 -21.31 -0.73
N GLY C 27 13.32 -21.41 -1.12
CA GLY C 27 12.31 -20.46 -0.70
C GLY C 27 10.96 -20.76 -1.30
N THR C 28 10.10 -19.75 -1.40
CA THR C 28 8.78 -19.87 -1.99
C THR C 28 8.58 -18.75 -2.99
N PHE C 29 7.43 -18.78 -3.67
CA PHE C 29 7.10 -17.69 -4.59
C PHE C 29 6.93 -16.38 -3.85
N SER C 30 6.29 -16.42 -2.68
CA SER C 30 6.03 -15.24 -1.84
C SER C 30 5.22 -14.25 -2.69
N THR C 31 5.61 -12.98 -2.74
CA THR C 31 4.90 -11.99 -3.54
C THR C 31 5.78 -11.46 -4.67
N TYR C 32 6.66 -12.30 -5.19
CA TYR C 32 7.57 -11.94 -6.26
C TYR C 32 6.89 -12.19 -7.62
N GLY C 33 7.66 -12.06 -8.70
CA GLY C 33 7.13 -12.32 -10.02
C GLY C 33 7.99 -13.29 -10.81
N ILE C 34 7.41 -13.93 -11.82
CA ILE C 34 8.11 -14.88 -12.67
C ILE C 34 7.94 -14.43 -14.11
N SER C 35 9.05 -14.32 -14.84
CA SER C 35 9.04 -13.90 -16.23
C SER C 35 9.70 -14.97 -17.09
N TRP C 36 9.26 -15.07 -18.35
CA TRP C 36 9.81 -16.03 -19.30
C TRP C 36 10.45 -15.26 -20.45
N VAL C 37 11.73 -15.55 -20.70
CA VAL C 37 12.49 -14.90 -21.76
C VAL C 37 13.15 -15.99 -22.59
N ARG C 38 13.05 -15.86 -23.91
CA ARG C 38 13.64 -16.82 -24.83
C ARG C 38 14.68 -16.14 -25.70
N GLN C 39 15.70 -16.90 -26.10
CA GLN C 39 16.77 -16.40 -26.95
C GLN C 39 17.00 -17.40 -28.08
N ALA C 40 16.65 -17.01 -29.30
CA ALA C 40 16.94 -17.83 -30.45
C ALA C 40 18.45 -17.87 -30.69
N PRO C 41 18.96 -18.96 -31.26
CA PRO C 41 20.42 -19.07 -31.47
C PRO C 41 20.93 -17.95 -32.36
N GLY C 42 21.92 -17.21 -31.85
CA GLY C 42 22.51 -16.11 -32.57
C GLY C 42 21.72 -14.82 -32.54
N GLN C 43 20.69 -14.72 -31.70
CA GLN C 43 19.89 -13.50 -31.62
C GLN C 43 19.81 -13.00 -30.19
N GLY C 44 19.02 -11.93 -29.98
CA GLY C 44 18.92 -11.30 -28.68
C GLY C 44 17.82 -11.87 -27.81
N LEU C 45 17.61 -11.23 -26.67
CA LEU C 45 16.62 -11.66 -25.69
C LEU C 45 15.25 -11.10 -26.05
N GLU C 46 14.23 -11.95 -25.95
CA GLU C 46 12.85 -11.56 -26.22
C GLU C 46 12.00 -11.95 -25.02
N TRP C 47 11.31 -10.97 -24.45
CA TRP C 47 10.45 -11.20 -23.29
C TRP C 47 9.13 -11.79 -23.76
N LEU C 48 8.77 -12.97 -23.24
CA LEU C 48 7.57 -13.66 -23.67
C LEU C 48 6.35 -13.27 -22.84
N GLY C 49 6.45 -13.42 -21.53
CA GLY C 49 5.34 -13.09 -20.65
C GLY C 49 5.76 -13.23 -19.20
N GLY C 50 4.85 -12.83 -18.32
CA GLY C 50 5.15 -12.88 -16.90
C GLY C 50 3.88 -13.00 -16.09
N ILE C 51 4.06 -13.27 -14.80
CA ILE C 51 2.95 -13.42 -13.88
C ILE C 51 3.43 -13.07 -12.47
N ILE C 52 2.49 -12.58 -11.67
CA ILE C 52 2.68 -12.45 -10.23
C ILE C 52 1.79 -13.51 -9.57
N PRO C 53 2.38 -14.51 -8.90
CA PRO C 53 1.57 -15.65 -8.44
C PRO C 53 0.39 -15.28 -7.54
N ILE C 54 0.56 -14.30 -6.65
CA ILE C 54 -0.55 -13.93 -5.78
C ILE C 54 -1.65 -13.25 -6.57
N PHE C 55 -1.29 -12.45 -7.58
CA PHE C 55 -2.30 -11.88 -8.47
C PHE C 55 -2.87 -12.94 -9.40
N ALA C 56 -2.02 -13.82 -9.92
CA ALA C 56 -2.41 -14.90 -10.82
C ALA C 56 -3.16 -14.39 -12.06
N THR C 57 -2.69 -13.27 -12.60
CA THR C 57 -3.25 -12.67 -13.81
C THR C 57 -2.13 -12.49 -14.82
N PRO C 58 -1.81 -13.51 -15.62
CA PRO C 58 -0.67 -13.42 -16.52
C PRO C 58 -0.91 -12.42 -17.64
N ASN C 59 0.18 -11.82 -18.11
CA ASN C 59 0.16 -10.90 -19.24
C ASN C 59 1.29 -11.25 -20.19
N TYR C 60 1.00 -11.22 -21.48
CA TYR C 60 1.91 -11.69 -22.51
C TYR C 60 2.24 -10.57 -23.49
N ALA C 61 3.27 -10.80 -24.29
CA ALA C 61 3.62 -9.87 -25.34
C ALA C 61 2.63 -9.98 -26.50
N GLN C 62 2.67 -8.99 -27.39
CA GLN C 62 1.73 -8.96 -28.51
C GLN C 62 1.92 -10.14 -29.44
N ASN C 63 3.17 -10.52 -29.71
CA ASN C 63 3.45 -11.61 -30.64
C ASN C 63 2.98 -12.96 -30.12
N PHE C 64 2.82 -13.11 -28.81
CA PHE C 64 2.47 -14.40 -28.22
C PHE C 64 1.10 -14.39 -27.55
N GLN C 65 0.29 -13.36 -27.80
CA GLN C 65 -1.07 -13.35 -27.27
C GLN C 65 -1.94 -14.34 -28.04
N GLY C 66 -2.67 -15.16 -27.31
CA GLY C 66 -3.43 -16.24 -27.92
C GLY C 66 -2.61 -17.47 -28.24
N ARG C 67 -1.32 -17.48 -27.89
CA ARG C 67 -0.44 -18.60 -28.16
C ARG C 67 0.35 -19.06 -26.95
N LEU C 68 0.46 -18.24 -25.91
CA LEU C 68 1.27 -18.54 -24.73
C LEU C 68 0.39 -18.50 -23.49
N THR C 69 0.64 -19.43 -22.57
CA THR C 69 -0.05 -19.49 -21.29
C THR C 69 0.99 -19.65 -20.19
N ILE C 70 0.87 -18.85 -19.14
CA ILE C 70 1.79 -18.87 -18.01
C ILE C 70 0.98 -19.09 -16.74
N THR C 71 1.35 -20.11 -15.97
CA THR C 71 0.68 -20.43 -14.72
C THR C 71 1.72 -20.72 -13.64
N ALA C 72 1.34 -20.48 -12.39
CA ALA C 72 2.21 -20.71 -11.25
C ALA C 72 1.47 -21.51 -10.19
N ASP C 73 2.19 -22.41 -9.54
CA ASP C 73 1.64 -23.23 -8.47
C ASP C 73 2.24 -22.80 -7.13
N GLU C 74 1.38 -22.59 -6.14
CA GLU C 74 1.84 -22.19 -4.82
C GLU C 74 2.12 -23.38 -3.91
N SER C 75 1.38 -24.48 -4.06
CA SER C 75 1.63 -25.67 -3.25
C SER C 75 3.02 -26.22 -3.53
N THR C 76 3.38 -26.34 -4.80
CA THR C 76 4.74 -26.68 -5.22
C THR C 76 5.28 -25.49 -5.98
N SER C 77 6.42 -24.94 -5.53
CA SER C 77 6.91 -23.67 -6.04
C SER C 77 7.43 -23.87 -7.46
N THR C 78 6.49 -24.02 -8.39
CA THR C 78 6.80 -24.27 -9.79
C THR C 78 6.00 -23.31 -10.65
N ALA C 79 6.68 -22.67 -11.60
CA ALA C 79 6.05 -21.80 -12.59
C ALA C 79 6.09 -22.48 -13.95
N TYR C 80 5.01 -22.33 -14.71
CA TYR C 80 4.86 -23.02 -15.98
C TYR C 80 4.69 -22.02 -17.12
N MET C 81 5.18 -22.41 -18.30
CA MET C 81 4.89 -21.73 -19.55
C MET C 81 4.52 -22.77 -20.59
N GLU C 82 3.61 -22.40 -21.48
CA GLU C 82 3.11 -23.32 -22.50
C GLU C 82 2.96 -22.57 -23.81
N LEU C 83 3.70 -23.00 -24.82
CA LEU C 83 3.64 -22.42 -26.16
C LEU C 83 3.05 -23.43 -27.12
N THR C 84 2.01 -23.04 -27.84
CA THR C 84 1.30 -23.90 -28.76
C THR C 84 1.59 -23.49 -30.21
N SER C 85 1.25 -24.40 -31.13
CA SER C 85 1.45 -24.19 -32.56
C SER C 85 2.89 -23.82 -32.86
N LEU C 86 3.79 -24.71 -32.47
CA LEU C 86 5.22 -24.44 -32.59
C LEU C 86 5.65 -24.39 -34.06
N ARG C 87 6.52 -23.43 -34.37
CA ARG C 87 7.10 -23.27 -35.68
C ARG C 87 8.61 -23.40 -35.59
N SER C 88 9.26 -23.43 -36.76
CA SER C 88 10.71 -23.62 -36.80
C SER C 88 11.46 -22.46 -36.16
N ASP C 89 10.88 -21.27 -36.15
CA ASP C 89 11.51 -20.12 -35.53
C ASP C 89 11.29 -20.05 -34.03
N ASP C 90 10.52 -21.00 -33.46
CA ASP C 90 10.37 -21.08 -32.02
C ASP C 90 11.55 -21.77 -31.34
N THR C 91 12.50 -22.30 -32.10
CA THR C 91 13.67 -22.94 -31.53
C THR C 91 14.53 -21.90 -30.83
N ALA C 92 14.69 -22.06 -29.51
CA ALA C 92 15.39 -21.09 -28.69
C ALA C 92 15.68 -21.71 -27.34
N VAL C 93 16.49 -21.02 -26.55
CA VAL C 93 16.73 -21.37 -25.16
C VAL C 93 15.79 -20.53 -24.31
N TYR C 94 14.89 -21.18 -23.59
CA TYR C 94 13.86 -20.50 -22.81
C TYR C 94 14.31 -20.38 -21.37
N TYR C 95 14.22 -19.17 -20.83
CA TYR C 95 14.71 -18.86 -19.49
C TYR C 95 13.55 -18.51 -18.58
N CYS C 96 13.56 -19.07 -17.38
CA CYS C 96 12.70 -18.63 -16.29
C CYS C 96 13.50 -17.68 -15.40
N ALA C 97 12.90 -16.54 -15.08
CA ALA C 97 13.58 -15.51 -14.29
C ALA C 97 12.64 -14.99 -13.23
N ARG C 98 13.21 -14.54 -12.12
CA ARG C 98 12.45 -14.00 -11.00
C ARG C 98 12.49 -12.48 -11.03
N GLU C 99 11.32 -11.86 -10.96
CA GLU C 99 11.22 -10.41 -10.88
C GLU C 99 11.52 -10.00 -9.44
N ALA C 100 12.75 -9.52 -9.21
CA ALA C 100 13.22 -9.22 -7.86
C ALA C 100 12.68 -7.85 -7.45
N GLN C 101 11.39 -7.82 -7.14
CA GLN C 101 10.74 -6.62 -6.62
C GLN C 101 9.77 -7.11 -5.57
N PRO C 102 10.08 -6.90 -4.28
CA PRO C 102 9.25 -7.51 -3.23
C PRO C 102 7.79 -7.09 -3.29
N ASN C 103 7.52 -5.84 -3.60
CA ASN C 103 6.14 -5.37 -3.71
C ASN C 103 5.54 -5.82 -5.02
N PRO C 104 4.45 -6.58 -5.02
CA PRO C 104 3.80 -6.91 -6.30
C PRO C 104 3.36 -5.67 -7.05
N TRP C 105 2.87 -4.66 -6.33
CA TRP C 105 2.70 -3.32 -6.86
C TRP C 105 4.06 -2.64 -6.94
N PHE C 106 4.12 -1.50 -7.61
CA PHE C 106 5.38 -0.89 -8.02
C PHE C 106 6.17 -1.82 -8.92
N ARG C 107 5.47 -2.56 -9.77
CA ARG C 107 6.10 -3.57 -10.62
C ARG C 107 6.95 -2.95 -11.72
N GLU C 108 6.79 -1.66 -12.00
CA GLU C 108 7.62 -1.00 -13.00
C GLU C 108 9.09 -0.99 -12.57
N ASN C 109 9.36 -0.73 -11.30
CA ASN C 109 10.69 -0.89 -10.72
C ASN C 109 10.95 -2.36 -10.50
N ASN C 110 11.74 -2.97 -11.38
CA ASN C 110 11.93 -4.42 -11.34
C ASN C 110 13.26 -4.79 -11.97
N ARG C 111 13.65 -6.08 -11.62
CA ARG C 111 14.85 -6.66 -12.21
C ARG C 111 14.75 -8.17 -12.13
N PHE C 112 15.62 -8.76 -12.98
CA PHE C 112 15.68 -10.22 -13.03
C PHE C 112 17.00 -10.65 -12.42
N ASP C 113 17.04 -10.75 -11.09
CA ASP C 113 18.30 -11.04 -10.42
C ASP C 113 18.70 -12.50 -10.59
N PRO C 114 17.87 -13.47 -10.19
CA PRO C 114 18.23 -14.86 -10.49
C PRO C 114 17.61 -15.34 -11.78
N TRP C 115 18.39 -16.08 -12.56
CA TRP C 115 17.95 -16.63 -13.83
C TRP C 115 18.02 -18.14 -13.80
N GLY C 116 17.10 -18.78 -14.49
CA GLY C 116 17.13 -20.23 -14.62
C GLY C 116 18.27 -20.69 -15.52
N GLN C 117 18.55 -21.99 -15.43
CA GLN C 117 19.64 -22.56 -16.22
C GLN C 117 19.34 -22.57 -17.72
N GLY C 118 18.09 -22.41 -18.10
CA GLY C 118 17.73 -22.36 -19.51
C GLY C 118 17.36 -23.70 -20.08
N THR C 119 16.22 -23.77 -20.77
CA THR C 119 15.76 -24.98 -21.43
C THR C 119 15.76 -24.75 -22.94
N LEU C 120 16.45 -25.62 -23.66
CA LEU C 120 16.55 -25.51 -25.12
C LEU C 120 15.46 -26.34 -25.76
N VAL C 121 14.60 -25.70 -26.55
CA VAL C 121 13.54 -26.37 -27.28
C VAL C 121 13.85 -26.29 -28.78
N THR C 122 13.86 -27.43 -29.44
CA THR C 122 14.14 -27.51 -30.87
C THR C 122 12.86 -27.92 -31.59
N VAL C 123 12.45 -27.12 -32.57
CA VAL C 123 11.26 -27.42 -33.36
C VAL C 123 11.68 -27.81 -34.77
N SER C 124 11.86 -29.10 -34.99
CA SER C 124 12.25 -29.61 -36.30
C SER C 124 11.86 -31.08 -36.36
N SER C 125 12.36 -31.78 -37.38
CA SER C 125 12.11 -33.21 -37.52
C SER C 125 13.40 -33.95 -37.86
N GLN D 1 4.58 -3.53 -30.23
CA GLN D 1 5.26 -2.38 -29.64
C GLN D 1 6.74 -2.36 -30.06
N SER D 2 7.23 -1.17 -30.42
CA SER D 2 8.60 -1.04 -30.88
C SER D 2 9.57 -1.35 -29.75
N ALA D 3 10.65 -2.07 -30.08
CA ALA D 3 11.66 -2.44 -29.11
C ALA D 3 12.57 -1.26 -28.81
N LEU D 4 13.50 -1.46 -27.88
CA LEU D 4 14.45 -0.43 -27.49
C LEU D 4 15.68 -0.50 -28.39
N THR D 5 16.03 0.63 -29.00
CA THR D 5 17.14 0.68 -29.94
C THR D 5 18.47 0.70 -29.19
N GLN D 6 19.40 -0.13 -29.61
CA GLN D 6 20.72 -0.23 -28.99
C GLN D 6 21.81 -0.18 -30.05
N PRO D 7 22.99 0.33 -29.69
CA PRO D 7 24.11 0.37 -30.65
C PRO D 7 24.76 -1.00 -30.82
N ALA D 8 24.21 -1.80 -31.74
CA ALA D 8 24.57 -3.22 -31.90
C ALA D 8 26.05 -3.52 -31.68
N SER D 9 26.93 -2.70 -32.24
CA SER D 9 28.37 -2.91 -32.12
C SER D 9 29.01 -1.72 -31.42
N VAL D 10 29.71 -1.99 -30.33
CA VAL D 10 30.51 -0.99 -29.60
C VAL D 10 31.84 -1.62 -29.26
N SER D 11 32.93 -0.90 -29.52
CA SER D 11 34.27 -1.41 -29.29
C SER D 11 35.13 -0.35 -28.60
N GLY D 12 36.17 -0.82 -27.93
CA GLY D 12 37.09 0.07 -27.25
C GLY D 12 38.37 -0.64 -26.89
N SER D 13 39.45 0.15 -26.78
CA SER D 13 40.75 -0.38 -26.43
C SER D 13 40.81 -0.73 -24.94
N PRO D 14 41.72 -1.61 -24.54
CA PRO D 14 41.81 -1.99 -23.12
C PRO D 14 42.23 -0.82 -22.25
N GLY D 15 41.35 -0.43 -21.33
CA GLY D 15 41.61 0.62 -20.36
C GLY D 15 40.68 1.81 -20.48
N GLN D 16 40.11 2.03 -21.65
CA GLN D 16 39.26 3.20 -21.88
C GLN D 16 37.85 2.91 -21.35
N SER D 17 36.93 3.82 -21.66
CA SER D 17 35.53 3.69 -21.25
C SER D 17 34.63 3.71 -22.48
N ILE D 18 33.55 2.96 -22.42
CA ILE D 18 32.56 2.90 -23.49
C ILE D 18 31.18 3.14 -22.91
N THR D 19 30.27 3.64 -23.75
CA THR D 19 28.91 3.93 -23.34
C THR D 19 27.95 3.27 -24.33
N ILE D 20 26.97 2.53 -23.79
CA ILE D 20 25.95 1.88 -24.60
C ILE D 20 24.62 2.56 -24.32
N SER D 21 23.97 3.02 -25.38
CA SER D 21 22.72 3.75 -25.24
C SER D 21 21.53 2.80 -25.35
N CYS D 22 20.39 3.25 -24.81
CA CYS D 22 19.12 2.51 -24.88
C CYS D 22 18.04 3.54 -25.13
N THR D 23 17.60 3.66 -26.39
CA THR D 23 16.65 4.67 -26.81
C THR D 23 15.33 4.03 -27.19
N GLY D 24 14.23 4.62 -26.73
CA GLY D 24 12.91 4.12 -27.04
C GLY D 24 11.98 5.25 -27.47
N THR D 25 10.78 4.86 -27.87
CA THR D 25 9.76 5.80 -28.34
C THR D 25 8.47 5.61 -27.56
N SER D 26 7.66 6.62 -27.37
CA SER D 26 6.37 6.41 -26.69
C SER D 26 6.57 6.40 -25.18
N SER D 27 5.49 6.59 -24.47
CA SER D 27 5.55 6.59 -23.01
C SER D 27 5.31 5.16 -22.52
N ASP D 28 5.14 4.22 -23.45
CA ASP D 28 4.85 2.83 -23.13
C ASP D 28 6.15 2.15 -22.75
N VAL D 29 7.27 2.84 -22.73
CA VAL D 29 8.51 2.25 -22.27
C VAL D 29 8.88 2.66 -20.86
N GLY D 30 8.08 3.50 -20.23
CA GLY D 30 8.33 3.89 -18.85
C GLY D 30 9.45 4.90 -18.72
N SER D 31 9.68 5.31 -17.48
CA SER D 31 10.76 6.24 -17.19
C SER D 31 12.11 5.56 -17.35
N TYR D 32 13.09 6.32 -17.85
CA TYR D 32 14.41 5.78 -18.11
C TYR D 32 15.31 5.79 -16.87
N ASP D 33 14.80 6.27 -15.74
CA ASP D 33 15.53 6.16 -14.48
C ASP D 33 15.37 4.79 -13.83
N LEU D 34 14.54 3.91 -14.40
CA LEU D 34 14.29 2.58 -13.85
C LEU D 34 14.60 1.50 -14.89
N VAL D 35 15.67 1.68 -15.65
CA VAL D 35 16.05 0.73 -16.69
C VAL D 35 17.14 -0.18 -16.14
N SER D 36 16.97 -1.49 -16.32
CA SER D 36 17.92 -2.49 -15.87
C SER D 36 18.80 -2.95 -17.02
N TRP D 37 20.03 -3.34 -16.69
CA TRP D 37 21.01 -3.79 -17.68
C TRP D 37 21.48 -5.20 -17.32
N TYR D 38 21.71 -6.01 -18.35
CA TYR D 38 22.13 -7.39 -18.18
C TYR D 38 23.32 -7.69 -19.08
N GLN D 39 24.18 -8.59 -18.63
CA GLN D 39 25.35 -9.00 -19.38
C GLN D 39 25.29 -10.49 -19.64
N GLN D 40 25.55 -10.90 -20.87
CA GLN D 40 25.52 -12.31 -21.26
C GLN D 40 26.84 -12.66 -21.93
N GLN D 41 27.71 -13.36 -21.21
CA GLN D 41 28.92 -13.90 -21.79
C GLN D 41 28.58 -15.11 -22.67
N PRO D 42 29.43 -15.42 -23.65
CA PRO D 42 29.10 -16.51 -24.58
C PRO D 42 28.88 -17.83 -23.86
N GLY D 43 27.72 -18.44 -24.12
CA GLY D 43 27.37 -19.74 -23.59
C GLY D 43 26.75 -19.73 -22.22
N LYS D 44 26.66 -18.58 -21.57
CA LYS D 44 26.14 -18.48 -20.22
C LYS D 44 24.78 -17.79 -20.21
N ALA D 45 24.07 -17.94 -19.11
CA ALA D 45 22.78 -17.29 -18.92
C ALA D 45 23.00 -15.80 -18.63
N PRO D 46 22.03 -14.96 -18.99
CA PRO D 46 22.16 -13.53 -18.69
C PRO D 46 22.20 -13.27 -17.19
N LYS D 47 22.98 -12.27 -16.80
CA LYS D 47 23.11 -11.87 -15.41
C LYS D 47 22.93 -10.37 -15.29
N LEU D 48 22.35 -9.95 -14.17
CA LEU D 48 22.06 -8.55 -13.93
C LEU D 48 23.30 -7.81 -13.46
N ILE D 49 23.60 -6.68 -14.08
CA ILE D 49 24.74 -5.86 -13.73
C ILE D 49 24.31 -4.50 -13.17
N ILE D 50 23.27 -3.90 -13.73
CA ILE D 50 22.77 -2.61 -13.28
C ILE D 50 21.24 -2.66 -13.30
N TYR D 51 20.62 -2.19 -12.22
CA TYR D 51 19.18 -2.13 -12.12
C TYR D 51 18.78 -0.84 -11.45
N GLU D 52 17.51 -0.45 -11.62
CA GLU D 52 16.95 0.76 -11.03
C GLU D 52 17.78 1.99 -11.39
N GLY D 53 18.18 2.05 -12.66
CA GLY D 53 18.95 3.18 -13.14
C GLY D 53 20.45 3.06 -12.92
N ASN D 54 20.89 3.19 -11.66
CA ASN D 54 22.32 3.14 -11.36
C ASN D 54 22.61 2.37 -10.09
N LYS D 55 21.80 1.37 -9.77
CA LYS D 55 22.02 0.53 -8.59
C LYS D 55 22.71 -0.75 -9.01
N ARG D 56 23.79 -1.11 -8.31
CA ARG D 56 24.56 -2.29 -8.63
C ARG D 56 24.24 -3.42 -7.67
N PRO D 57 23.94 -4.63 -8.18
CA PRO D 57 23.75 -5.77 -7.28
C PRO D 57 25.06 -6.15 -6.61
N SER D 58 24.94 -7.00 -5.58
CA SER D 58 26.11 -7.48 -4.86
C SER D 58 26.99 -8.32 -5.78
N GLY D 59 28.30 -8.08 -5.72
CA GLY D 59 29.25 -8.83 -6.50
C GLY D 59 29.50 -8.31 -7.90
N VAL D 60 28.73 -7.33 -8.35
CA VAL D 60 28.93 -6.74 -9.67
C VAL D 60 30.10 -5.76 -9.61
N SER D 61 30.99 -5.85 -10.59
CA SER D 61 32.17 -5.00 -10.59
C SER D 61 31.77 -3.53 -10.60
N HIS D 62 32.50 -2.72 -9.83
CA HIS D 62 32.20 -1.30 -9.66
C HIS D 62 32.56 -0.47 -10.87
N ARG D 63 32.90 -1.10 -11.99
CA ARG D 63 33.22 -0.39 -13.22
C ARG D 63 32.00 -0.18 -14.11
N PHE D 64 30.82 -0.59 -13.67
CA PHE D 64 29.58 -0.44 -14.42
C PHE D 64 28.78 0.69 -13.81
N SER D 65 28.51 1.73 -14.60
CA SER D 65 27.76 2.89 -14.14
C SER D 65 26.61 3.16 -15.11
N GLY D 66 25.45 3.49 -14.55
CA GLY D 66 24.27 3.74 -15.36
C GLY D 66 23.79 5.17 -15.26
N SER D 67 23.38 5.75 -16.38
CA SER D 67 22.91 7.13 -16.44
C SER D 67 21.51 7.17 -17.04
N ASN D 68 20.96 8.38 -17.11
CA ASN D 68 19.64 8.61 -17.67
C ASN D 68 19.56 10.05 -18.15
N SER D 69 19.22 10.24 -19.42
CA SER D 69 19.12 11.57 -20.03
C SER D 69 17.96 11.56 -21.01
N GLY D 70 16.82 12.09 -20.57
CA GLY D 70 15.65 12.18 -21.41
C GLY D 70 15.08 10.83 -21.80
N ASN D 71 15.00 10.57 -23.10
CA ASN D 71 14.47 9.32 -23.63
C ASN D 71 15.59 8.33 -23.99
N THR D 72 16.70 8.37 -23.27
CA THR D 72 17.82 7.47 -23.53
C THR D 72 18.47 7.08 -22.22
N ALA D 73 18.65 5.78 -22.01
CA ALA D 73 19.36 5.25 -20.85
C ALA D 73 20.70 4.72 -21.32
N SER D 74 21.76 5.06 -20.60
CA SER D 74 23.12 4.73 -21.00
C SER D 74 23.80 3.88 -19.95
N LEU D 75 24.54 2.87 -20.41
CA LEU D 75 25.38 2.04 -19.56
C LEU D 75 26.84 2.29 -19.93
N THR D 76 27.66 2.61 -18.93
CA THR D 76 29.05 2.95 -19.14
C THR D 76 29.93 1.93 -18.43
N ILE D 77 30.92 1.40 -19.14
CA ILE D 77 31.87 0.44 -18.60
C ILE D 77 33.25 1.09 -18.61
N SER D 78 33.87 1.16 -17.45
CA SER D 78 35.18 1.79 -17.29
C SER D 78 36.26 0.73 -17.14
N GLY D 79 37.41 0.99 -17.77
CA GLY D 79 38.50 0.03 -17.72
C GLY D 79 38.18 -1.26 -18.44
N LEU D 80 38.08 -1.18 -19.77
CA LEU D 80 37.73 -2.35 -20.56
C LEU D 80 38.77 -3.44 -20.40
N GLN D 81 38.30 -4.67 -20.18
CA GLN D 81 39.15 -5.84 -20.06
C GLN D 81 38.60 -6.95 -20.95
N ALA D 82 39.32 -8.07 -20.99
CA ALA D 82 38.88 -9.21 -21.80
C ALA D 82 37.59 -9.83 -21.26
N GLU D 83 37.32 -9.69 -19.96
CA GLU D 83 36.10 -10.25 -19.38
C GLU D 83 34.88 -9.37 -19.62
N ASP D 84 35.05 -8.17 -20.18
CA ASP D 84 33.94 -7.32 -20.55
C ASP D 84 33.48 -7.56 -21.98
N GLU D 85 34.11 -8.50 -22.69
CA GLU D 85 33.77 -8.82 -24.07
C GLU D 85 32.57 -9.76 -24.08
N ALA D 86 31.37 -9.19 -24.01
CA ALA D 86 30.15 -9.97 -23.95
C ALA D 86 29.04 -9.18 -24.63
N ASP D 87 27.79 -9.62 -24.41
CA ASP D 87 26.62 -8.98 -24.95
C ASP D 87 25.80 -8.36 -23.83
N TYR D 88 25.34 -7.13 -24.04
CA TYR D 88 24.64 -6.37 -23.01
C TYR D 88 23.27 -5.97 -23.53
N TYR D 89 22.27 -6.05 -22.66
CA TYR D 89 20.89 -5.75 -22.99
C TYR D 89 20.28 -4.84 -21.94
N CYS D 90 19.37 -3.98 -22.38
CA CYS D 90 18.60 -3.13 -21.49
C CYS D 90 17.13 -3.54 -21.53
N CYS D 91 16.47 -3.45 -20.38
CA CYS D 91 15.07 -3.83 -20.24
C CYS D 91 14.31 -2.74 -19.51
N SER D 92 13.01 -2.66 -19.79
CA SER D 92 12.16 -1.66 -19.15
C SER D 92 10.73 -2.16 -19.14
N PHE D 93 9.92 -1.54 -18.28
CA PHE D 93 8.51 -1.85 -18.14
C PHE D 93 7.68 -0.99 -19.08
N ALA D 94 6.49 -1.50 -19.43
CA ALA D 94 5.60 -0.84 -20.38
C ALA D 94 4.29 -0.47 -19.70
N ILE D 95 3.55 0.43 -20.34
CA ILE D 95 2.24 0.82 -19.81
C ILE D 95 1.30 -0.37 -19.78
N SER D 96 1.28 -1.15 -20.86
CA SER D 96 0.76 -2.50 -20.78
C SER D 96 1.72 -3.34 -19.95
N VAL D 97 1.17 -4.29 -19.20
CA VAL D 97 2.01 -4.95 -18.19
C VAL D 97 2.91 -5.95 -18.92
N THR D 98 4.06 -5.46 -19.36
CA THR D 98 4.98 -6.22 -20.19
C THR D 98 6.39 -5.67 -19.96
N PHE D 99 7.38 -6.43 -20.40
CA PHE D 99 8.77 -6.00 -20.38
C PHE D 99 9.32 -6.01 -21.80
N VAL D 100 10.10 -4.98 -22.13
CA VAL D 100 10.69 -4.84 -23.46
C VAL D 100 12.21 -4.88 -23.31
N PHE D 101 12.83 -5.81 -24.01
CA PHE D 101 14.28 -5.92 -24.03
C PHE D 101 14.87 -5.13 -25.18
N GLY D 102 16.07 -4.59 -24.97
CA GLY D 102 16.76 -3.86 -26.00
C GLY D 102 17.27 -4.77 -27.11
N THR D 103 17.69 -4.13 -28.20
CA THR D 103 18.17 -4.89 -29.36
C THR D 103 19.46 -5.63 -29.07
N GLY D 104 20.22 -5.21 -28.07
CA GLY D 104 21.45 -5.89 -27.72
C GLY D 104 22.67 -5.22 -28.31
N THR D 105 23.77 -5.21 -27.55
CA THR D 105 25.02 -4.60 -27.99
C THR D 105 26.17 -5.56 -27.70
N LYS D 106 27.02 -5.76 -28.69
CA LYS D 106 28.22 -6.58 -28.55
C LYS D 106 29.41 -5.66 -28.27
N VAL D 107 30.17 -5.98 -27.23
CA VAL D 107 31.35 -5.23 -26.86
C VAL D 107 32.58 -5.94 -27.38
N THR D 108 33.43 -5.21 -28.09
CA THR D 108 34.64 -5.76 -28.68
C THR D 108 35.85 -5.00 -28.14
N VAL D 109 37.00 -5.68 -28.14
CA VAL D 109 38.26 -5.10 -27.70
C VAL D 109 39.20 -5.04 -28.90
N LEU D 110 39.76 -3.87 -29.14
CA LEU D 110 40.65 -3.66 -30.28
C LEU D 110 42.10 -4.00 -29.93
N GLN E 1 -2.43 27.02 0.40
CA GLN E 1 -2.35 26.96 1.87
C GLN E 1 -3.69 26.59 2.48
N VAL E 2 -3.70 25.56 3.30
CA VAL E 2 -4.91 25.10 3.97
C VAL E 2 -5.00 25.76 5.33
N GLN E 3 -6.20 26.21 5.70
CA GLN E 3 -6.44 26.89 6.95
C GLN E 3 -7.34 26.05 7.85
N LEU E 4 -7.04 26.06 9.14
CA LEU E 4 -7.87 25.41 10.16
C LEU E 4 -8.51 26.51 11.01
N VAL E 5 -9.85 26.53 11.04
CA VAL E 5 -10.60 27.54 11.76
C VAL E 5 -11.44 26.84 12.81
N GLN E 6 -11.31 27.28 14.07
CA GLN E 6 -12.01 26.69 15.19
C GLN E 6 -13.14 27.59 15.65
N SER E 7 -14.05 27.02 16.43
CA SER E 7 -15.17 27.76 16.98
C SER E 7 -14.68 28.74 18.06
N GLY E 8 -15.56 29.63 18.46
CA GLY E 8 -15.21 30.65 19.43
C GLY E 8 -15.06 30.10 20.83
N ALA E 9 -14.47 30.94 21.69
CA ALA E 9 -14.25 30.57 23.08
C ALA E 9 -15.57 30.42 23.82
N GLU E 10 -15.57 29.50 24.79
CA GLU E 10 -16.78 29.19 25.55
C GLU E 10 -16.46 29.16 27.03
N VAL E 11 -17.48 29.49 27.84
CA VAL E 11 -17.40 29.40 29.29
C VAL E 11 -18.48 28.41 29.73
N LYS E 12 -18.07 27.37 30.45
CA LYS E 12 -18.97 26.30 30.85
C LYS E 12 -18.82 26.03 32.34
N LYS E 13 -19.93 25.70 32.99
CA LYS E 13 -19.91 25.37 34.40
C LYS E 13 -19.33 23.98 34.61
N PRO E 14 -18.79 23.70 35.80
CA PRO E 14 -18.24 22.38 36.07
C PRO E 14 -19.30 21.29 35.93
N GLY E 15 -18.89 20.16 35.37
CA GLY E 15 -19.78 19.03 35.16
C GLY E 15 -20.51 19.03 33.83
N SER E 16 -20.40 20.10 33.05
CA SER E 16 -21.07 20.18 31.76
C SER E 16 -20.19 19.56 30.68
N SER E 17 -20.59 19.71 29.41
CA SER E 17 -19.85 19.17 28.28
C SER E 17 -19.72 20.25 27.20
N VAL E 18 -18.55 20.28 26.56
CA VAL E 18 -18.27 21.26 25.53
C VAL E 18 -17.97 20.52 24.23
N LYS E 19 -18.21 21.20 23.11
CA LYS E 19 -17.95 20.64 21.79
C LYS E 19 -17.26 21.71 20.94
N VAL E 20 -16.01 21.45 20.57
CA VAL E 20 -15.22 22.39 19.79
C VAL E 20 -15.09 21.85 18.38
N SER E 21 -15.39 22.70 17.39
CA SER E 21 -15.35 22.32 15.99
C SER E 21 -14.14 22.94 15.30
N CYS E 22 -13.58 22.20 14.36
CA CYS E 22 -12.45 22.67 13.55
C CYS E 22 -12.83 22.57 12.08
N LYS E 23 -12.75 23.69 11.38
CA LYS E 23 -13.15 23.76 9.98
C LYS E 23 -11.92 23.80 9.09
N THR E 24 -11.93 22.99 8.03
CA THR E 24 -10.82 22.93 7.07
C THR E 24 -11.20 23.77 5.86
N SER E 25 -10.40 24.79 5.58
CA SER E 25 -10.62 25.69 4.46
C SER E 25 -9.43 25.62 3.50
N GLY E 26 -9.69 25.93 2.24
CA GLY E 26 -8.68 25.80 1.22
C GLY E 26 -8.51 24.40 0.66
N GLY E 27 -9.32 23.45 1.11
CA GLY E 27 -9.25 22.08 0.62
C GLY E 27 -10.28 21.19 1.26
N THR E 28 -9.96 19.90 1.40
CA THR E 28 -10.84 18.93 2.04
C THR E 28 -10.02 18.11 3.04
N PHE E 29 -10.70 17.22 3.76
CA PHE E 29 -10.01 16.31 4.66
C PHE E 29 -9.07 15.39 3.89
N SER E 30 -9.52 14.87 2.75
CA SER E 30 -8.77 13.95 1.90
C SER E 30 -8.42 12.72 2.73
N THR E 31 -7.16 12.32 2.81
CA THR E 31 -6.74 11.16 3.58
C THR E 31 -5.73 11.56 4.65
N TYR E 32 -5.91 12.75 5.22
CA TYR E 32 -5.02 13.27 6.24
C TYR E 32 -5.54 12.87 7.62
N GLY E 33 -4.99 13.48 8.67
CA GLY E 33 -5.44 13.23 10.01
C GLY E 33 -5.72 14.52 10.75
N ILE E 34 -6.56 14.41 11.77
CA ILE E 34 -6.93 15.52 12.63
C ILE E 34 -6.63 15.14 14.08
N SER E 35 -5.87 15.99 14.76
CA SER E 35 -5.51 15.76 16.15
C SER E 35 -5.97 16.94 17.01
N TRP E 36 -6.26 16.65 18.28
CA TRP E 36 -6.70 17.67 19.23
C TRP E 36 -5.68 17.75 20.35
N VAL E 37 -5.14 18.95 20.57
CA VAL E 37 -4.13 19.21 21.59
C VAL E 37 -4.60 20.40 22.42
N ARG E 38 -4.52 20.27 23.74
CA ARG E 38 -4.91 21.34 24.65
C ARG E 38 -3.71 21.77 25.47
N GLN E 39 -3.72 23.04 25.87
CA GLN E 39 -2.66 23.62 26.70
C GLN E 39 -3.31 24.40 27.83
N ALA E 40 -3.18 23.90 29.06
CA ALA E 40 -3.63 24.65 30.21
C ALA E 40 -2.77 25.89 30.39
N PRO E 41 -3.33 26.96 30.94
CA PRO E 41 -2.56 28.21 31.07
C PRO E 41 -1.32 28.00 31.93
N GLY E 42 -0.18 28.40 31.38
CA GLY E 42 1.09 28.27 32.08
C GLY E 42 1.69 26.88 32.06
N GLN E 43 1.15 25.96 31.27
CA GLN E 43 1.68 24.59 31.23
C GLN E 43 1.99 24.17 29.80
N GLY E 44 2.35 22.90 29.61
CA GLY E 44 2.77 22.41 28.32
C GLY E 44 1.63 21.84 27.49
N LEU E 45 1.99 21.34 26.32
CA LEU E 45 1.02 20.79 25.38
C LEU E 45 0.65 19.36 25.78
N GLU E 46 -0.65 19.05 25.74
CA GLU E 46 -1.15 17.72 26.06
C GLU E 46 -1.98 17.21 24.89
N TRP E 47 -1.61 16.06 24.36
CA TRP E 47 -2.32 15.46 23.25
C TRP E 47 -3.57 14.75 23.76
N LEU E 48 -4.73 15.10 23.19
CA LEU E 48 -5.99 14.55 23.65
C LEU E 48 -6.41 13.33 22.85
N GLY E 49 -6.47 13.47 21.52
CA GLY E 49 -6.89 12.38 20.67
C GLY E 49 -6.79 12.79 19.22
N GLY E 50 -6.98 11.79 18.35
CA GLY E 50 -6.89 12.03 16.92
C GLY E 50 -7.76 11.05 16.16
N ILE E 51 -7.93 11.34 14.87
CA ILE E 51 -8.74 10.51 14.00
C ILE E 51 -8.21 10.63 12.57
N ILE E 52 -8.37 9.55 11.81
CA ILE E 52 -8.19 9.57 10.36
C ILE E 52 -9.59 9.54 9.74
N PRO E 53 -10.02 10.61 9.06
CA PRO E 53 -11.43 10.67 8.61
C PRO E 53 -11.87 9.51 7.73
N ILE E 54 -10.99 9.02 6.85
CA ILE E 54 -11.39 7.90 5.99
C ILE E 54 -11.51 6.62 6.80
N PHE E 55 -10.62 6.42 7.78
CA PHE E 55 -10.76 5.27 8.67
C PHE E 55 -11.93 5.46 9.63
N ALA E 56 -12.14 6.69 10.12
CA ALA E 56 -13.22 7.02 11.03
C ALA E 56 -13.19 6.16 12.30
N THR E 57 -11.99 5.89 12.81
CA THR E 57 -11.80 5.12 14.04
C THR E 57 -10.96 5.96 14.99
N PRO E 58 -11.58 6.77 15.83
CA PRO E 58 -10.81 7.66 16.71
C PRO E 58 -10.08 6.89 17.80
N ASN E 59 -8.98 7.47 18.25
CA ASN E 59 -8.21 6.92 19.36
C ASN E 59 -7.80 8.04 20.29
N TYR E 60 -7.88 7.79 21.60
CA TYR E 60 -7.71 8.80 22.61
C TYR E 60 -6.57 8.44 23.56
N ALA E 61 -6.13 9.43 24.32
CA ALA E 61 -5.16 9.19 25.37
C ALA E 61 -5.81 8.47 26.54
N GLN E 62 -4.96 7.92 27.42
CA GLN E 62 -5.46 7.13 28.53
C GLN E 62 -6.31 7.97 29.48
N ASN E 63 -5.89 9.20 29.76
CA ASN E 63 -6.61 10.04 30.71
C ASN E 63 -7.99 10.43 30.21
N PHE E 64 -8.19 10.46 28.90
CA PHE E 64 -9.44 10.93 28.32
C PHE E 64 -10.26 9.81 27.67
N GLN E 65 -9.94 8.55 27.95
CA GLN E 65 -10.74 7.44 27.44
C GLN E 65 -12.02 7.35 28.26
N GLY E 66 -13.17 7.37 27.58
CA GLY E 66 -14.45 7.42 28.23
C GLY E 66 -14.95 8.81 28.54
N ARG E 67 -14.14 9.84 28.27
CA ARG E 67 -14.54 11.22 28.49
C ARG E 67 -14.47 12.07 27.23
N LEU E 68 -13.84 11.59 26.17
CA LEU E 68 -13.62 12.36 24.96
C LEU E 68 -14.18 11.60 23.75
N THR E 69 -14.76 12.35 22.82
CA THR E 69 -15.25 11.79 21.56
C THR E 69 -14.79 12.70 20.43
N ILE E 70 -14.26 12.09 19.37
CA ILE E 70 -13.76 12.83 18.21
C ILE E 70 -14.42 12.27 16.97
N THR E 71 -15.06 13.13 16.19
CA THR E 71 -15.71 12.75 14.94
C THR E 71 -15.33 13.73 13.84
N ALA E 72 -15.39 13.25 12.60
CA ALA E 72 -15.06 14.05 11.44
C ALA E 72 -16.19 13.97 10.42
N ASP E 73 -16.53 15.12 9.83
CA ASP E 73 -17.56 15.21 8.81
C ASP E 73 -16.90 15.49 7.47
N GLU E 74 -17.25 14.70 6.46
CA GLU E 74 -16.66 14.84 5.13
C GLU E 74 -17.51 15.68 4.18
N SER E 75 -18.84 15.63 4.30
CA SER E 75 -19.67 16.49 3.46
C SER E 75 -19.39 17.96 3.75
N THR E 76 -19.27 18.32 5.02
CA THR E 76 -18.80 19.63 5.44
C THR E 76 -17.49 19.41 6.18
N SER E 77 -16.40 19.98 5.65
CA SER E 77 -15.05 19.66 6.12
C SER E 77 -14.85 20.26 7.50
N THR E 78 -15.43 19.62 8.50
CA THR E 78 -15.37 20.06 9.89
C THR E 78 -15.07 18.87 10.78
N ALA E 79 -14.12 19.04 11.70
CA ALA E 79 -13.77 18.03 12.67
C ALA E 79 -14.24 18.46 14.05
N TYR E 80 -14.71 17.51 14.84
CA TYR E 80 -15.33 17.78 16.13
C TYR E 80 -14.61 17.06 17.25
N MET E 81 -14.59 17.70 18.42
CA MET E 81 -14.17 17.08 19.67
C MET E 81 -15.21 17.41 20.73
N GLU E 82 -15.42 16.47 21.65
CA GLU E 82 -16.43 16.62 22.70
C GLU E 82 -15.88 16.09 24.01
N LEU E 83 -15.79 16.95 25.01
CA LEU E 83 -15.31 16.58 26.33
C LEU E 83 -16.46 16.69 27.33
N THR E 84 -16.71 15.61 28.05
CA THR E 84 -17.81 15.53 29.01
C THR E 84 -17.28 15.53 30.43
N SER E 85 -18.17 15.82 31.37
CA SER E 85 -17.86 15.89 32.80
C SER E 85 -16.69 16.85 33.05
N LEU E 86 -16.91 18.10 32.66
CA LEU E 86 -15.86 19.10 32.73
C LEU E 86 -15.52 19.43 34.19
N ARG E 87 -14.23 19.58 34.46
CA ARG E 87 -13.73 19.97 35.77
C ARG E 87 -12.96 21.29 35.65
N SER E 88 -12.56 21.83 36.80
CA SER E 88 -11.87 23.11 36.82
C SER E 88 -10.52 23.05 36.13
N ASP E 89 -9.87 21.89 36.14
CA ASP E 89 -8.57 21.74 35.50
C ASP E 89 -8.68 21.49 34.00
N ASP E 90 -9.90 21.37 33.46
CA ASP E 90 -10.10 21.27 32.03
C ASP E 90 -9.97 22.61 31.33
N THR E 91 -9.85 23.71 32.07
CA THR E 91 -9.71 25.02 31.48
C THR E 91 -8.38 25.12 30.74
N ALA E 92 -8.45 25.34 29.43
CA ALA E 92 -7.26 25.36 28.59
C ALA E 92 -7.64 25.96 27.25
N VAL E 93 -6.62 26.14 26.40
CA VAL E 93 -6.80 26.52 25.01
C VAL E 93 -6.70 25.26 24.17
N TYR E 94 -7.74 24.96 23.41
CA TYR E 94 -7.83 23.70 22.67
C TYR E 94 -7.49 23.95 21.21
N TYR E 95 -6.55 23.16 20.69
CA TYR E 95 -6.03 23.33 19.34
C TYR E 95 -6.44 22.14 18.49
N CYS E 96 -6.86 22.41 17.26
CA CYS E 96 -7.02 21.40 16.24
C CYS E 96 -5.83 21.50 15.30
N ALA E 97 -5.20 20.35 15.00
CA ALA E 97 -4.03 20.31 14.15
C ALA E 97 -4.19 19.23 13.09
N ARG E 98 -3.60 19.46 11.93
CA ARG E 98 -3.65 18.52 10.83
C ARG E 98 -2.40 17.64 10.84
N GLU E 99 -2.61 16.33 10.79
CA GLU E 99 -1.51 15.38 10.65
C GLU E 99 -1.11 15.37 9.19
N ALA E 100 -0.03 16.08 8.86
CA ALA E 100 0.37 16.32 7.47
C ALA E 100 1.19 15.15 6.94
N GLN E 101 0.65 13.95 7.12
CA GLN E 101 1.21 12.73 6.56
C GLN E 101 0.22 12.25 5.50
N PRO E 102 0.54 12.38 4.22
CA PRO E 102 -0.46 12.08 3.18
C PRO E 102 -1.01 10.67 3.25
N ASN E 103 -0.16 9.70 3.54
CA ASN E 103 -0.61 8.32 3.62
C ASN E 103 -1.30 8.08 4.95
N PRO E 104 -2.57 7.64 4.96
CA PRO E 104 -3.20 7.29 6.25
C PRO E 104 -2.44 6.22 6.99
N TRP E 105 -1.97 5.20 6.27
CA TRP E 105 -0.97 4.28 6.79
C TRP E 105 0.39 4.98 6.80
N PHE E 106 1.36 4.37 7.48
CA PHE E 106 2.62 5.04 7.83
C PHE E 106 2.36 6.26 8.72
N ARG E 107 1.31 6.18 9.54
CA ARG E 107 0.93 7.30 10.41
C ARG E 107 1.95 7.56 11.51
N GLU E 108 2.87 6.63 11.76
CA GLU E 108 3.91 6.86 12.76
C GLU E 108 4.78 8.05 12.38
N ASN E 109 5.13 8.17 11.10
CA ASN E 109 5.91 9.29 10.59
C ASN E 109 4.94 10.42 10.27
N ASN E 110 4.79 11.35 11.21
CA ASN E 110 3.74 12.36 11.11
C ASN E 110 4.22 13.66 11.73
N ARG E 111 3.53 14.75 11.39
CA ARG E 111 3.78 16.06 11.96
C ARG E 111 2.50 16.88 11.89
N PHE E 112 2.42 17.92 12.71
CA PHE E 112 1.29 18.83 12.77
C PHE E 112 1.74 20.15 12.14
N ASP E 113 1.64 20.24 10.82
CA ASP E 113 2.16 21.42 10.13
C ASP E 113 1.22 22.62 10.32
N PRO E 114 -0.06 22.54 9.94
CA PRO E 114 -0.95 23.66 10.25
C PRO E 114 -1.69 23.46 11.56
N TRP E 115 -1.81 24.54 12.32
CA TRP E 115 -2.51 24.53 13.60
C TRP E 115 -3.67 25.50 13.57
N GLY E 116 -4.74 25.15 14.28
CA GLY E 116 -5.86 26.04 14.43
C GLY E 116 -5.53 27.22 15.33
N GLN E 117 -6.40 28.23 15.26
CA GLN E 117 -6.18 29.45 16.04
C GLN E 117 -6.33 29.22 17.54
N GLY E 118 -6.97 28.12 17.94
CA GLY E 118 -7.12 27.81 19.35
C GLY E 118 -8.41 28.32 19.94
N THR E 119 -9.12 27.45 20.66
CA THR E 119 -10.35 27.82 21.35
C THR E 119 -10.12 27.71 22.85
N LEU E 120 -10.39 28.81 23.57
CA LEU E 120 -10.20 28.85 25.01
C LEU E 120 -11.49 28.44 25.70
N VAL E 121 -11.44 27.35 26.45
CA VAL E 121 -12.56 26.85 27.22
C VAL E 121 -12.29 27.12 28.69
N THR E 122 -13.20 27.82 29.35
CA THR E 122 -13.09 28.15 30.76
C THR E 122 -14.14 27.38 31.54
N VAL E 123 -13.70 26.59 32.51
CA VAL E 123 -14.61 25.81 33.33
C VAL E 123 -14.61 26.36 34.75
N SER E 124 -15.54 27.27 35.03
CA SER E 124 -15.67 27.87 36.35
C SER E 124 -17.08 28.41 36.50
N SER E 125 -17.32 29.22 37.54
CA SER E 125 -18.62 29.83 37.75
C SER E 125 -18.47 31.34 37.94
N GLN F 1 0.59 6.10 30.17
CA GLN F 1 1.89 5.99 29.53
C GLN F 1 2.78 7.17 29.91
N SER F 2 4.04 6.88 30.24
CA SER F 2 4.97 7.93 30.63
C SER F 2 5.24 8.87 29.47
N ALA F 3 5.37 10.15 29.79
CA ALA F 3 5.59 11.18 28.78
C ALA F 3 7.07 11.20 28.38
N LEU F 4 7.45 12.18 27.57
CA LEU F 4 8.82 12.34 27.12
C LEU F 4 9.52 13.37 28.00
N THR F 5 10.68 13.02 28.53
CA THR F 5 11.41 13.88 29.45
C THR F 5 12.19 14.93 28.67
N GLN F 6 12.06 16.19 29.09
CA GLN F 6 12.75 17.30 28.46
C GLN F 6 13.46 18.15 29.50
N PRO F 7 14.56 18.80 29.13
CA PRO F 7 15.27 19.69 30.06
C PRO F 7 14.56 21.03 30.22
N ALA F 8 13.59 21.08 31.15
CA ALA F 8 12.68 22.21 31.33
C ALA F 8 13.29 23.58 31.10
N SER F 9 14.49 23.82 31.63
CA SER F 9 15.16 25.10 31.48
C SER F 9 16.47 24.91 30.72
N VAL F 10 16.63 25.65 29.63
CA VAL F 10 17.86 25.69 28.86
C VAL F 10 18.14 27.14 28.49
N SER F 11 19.38 27.58 28.68
CA SER F 11 19.76 28.96 28.42
C SER F 11 21.08 29.00 27.65
N GLY F 12 21.29 30.12 26.95
CA GLY F 12 22.52 30.32 26.22
C GLY F 12 22.69 31.77 25.82
N SER F 13 23.94 32.19 25.71
CA SER F 13 24.27 33.56 25.33
C SER F 13 24.07 33.74 23.82
N PRO F 14 23.88 34.98 23.38
CA PRO F 14 23.65 35.22 21.94
C PRO F 14 24.87 34.85 21.11
N GLY F 15 24.69 33.88 20.21
CA GLY F 15 25.71 33.46 19.27
C GLY F 15 26.04 31.98 19.34
N GLN F 16 26.04 31.40 20.53
CA GLN F 16 26.41 30.01 20.71
C GLN F 16 25.25 29.09 20.31
N SER F 17 25.43 27.79 20.53
CA SER F 17 24.43 26.78 20.21
C SER F 17 23.95 26.10 21.48
N ILE F 18 22.68 25.68 21.47
CA ILE F 18 22.09 24.96 22.57
C ILE F 18 21.46 23.68 22.04
N THR F 19 21.34 22.69 22.92
CA THR F 19 20.77 21.40 22.57
C THR F 19 19.69 21.04 23.59
N ILE F 20 18.52 20.65 23.09
CA ILE F 20 17.40 20.21 23.91
C ILE F 20 17.17 18.73 23.65
N SER F 21 17.17 17.94 24.71
CA SER F 21 17.01 16.50 24.60
C SER F 21 15.56 16.09 24.77
N CYS F 22 15.23 14.91 24.25
CA CYS F 22 13.90 14.32 24.36
C CYS F 22 14.10 12.83 24.61
N THR F 23 13.97 12.41 25.87
CA THR F 23 14.25 11.05 26.28
C THR F 23 12.96 10.36 26.72
N GLY F 24 12.76 9.12 26.27
CA GLY F 24 11.58 8.35 26.63
C GLY F 24 11.97 6.97 27.10
N THR F 25 10.96 6.23 27.56
CA THR F 25 11.15 4.88 28.07
C THR F 25 10.21 3.92 27.36
N SER F 26 10.65 2.70 27.11
CA SER F 26 9.76 1.65 26.62
C SER F 26 9.35 1.77 25.16
N SER F 27 9.67 0.75 24.41
CA SER F 27 9.11 0.70 23.06
C SER F 27 7.65 1.06 23.34
N ASP F 28 7.09 2.00 22.60
CA ASP F 28 5.77 2.58 22.91
C ASP F 28 5.99 4.02 22.52
N VAL F 29 7.24 4.50 22.54
CA VAL F 29 7.48 5.83 22.00
C VAL F 29 7.94 5.81 20.55
N GLY F 30 8.10 4.63 19.96
CA GLY F 30 8.44 4.55 18.55
C GLY F 30 9.90 4.92 18.28
N SER F 31 10.21 5.03 16.99
CA SER F 31 11.56 5.38 16.57
C SER F 31 11.86 6.83 16.91
N TYR F 32 13.08 7.09 17.36
CA TYR F 32 13.53 8.44 17.65
C TYR F 32 14.00 9.17 16.40
N ASP F 33 14.02 8.50 15.25
CA ASP F 33 14.30 9.14 13.98
C ASP F 33 13.08 9.81 13.37
N LEU F 34 11.91 9.63 14.00
CA LEU F 34 10.66 10.21 13.52
C LEU F 34 10.03 11.11 14.59
N VAL F 35 10.85 11.94 15.22
CA VAL F 35 10.39 12.85 16.27
C VAL F 35 10.28 14.25 15.69
N SER F 36 9.16 14.91 15.94
CA SER F 36 8.91 16.26 15.46
C SER F 36 9.09 17.27 16.59
N TRP F 37 9.53 18.47 16.24
CA TRP F 37 9.78 19.54 17.19
C TRP F 37 8.90 20.74 16.85
N TYR F 38 8.38 21.40 17.89
CA TYR F 38 7.49 22.53 17.73
C TYR F 38 7.97 23.68 18.60
N GLN F 39 7.75 24.90 18.10
CA GLN F 39 8.13 26.12 18.81
C GLN F 39 6.89 26.94 19.09
N GLN F 40 6.74 27.39 20.34
CA GLN F 40 5.60 28.20 20.75
C GLN F 40 6.12 29.48 21.39
N GLN F 41 5.97 30.59 20.68
CA GLN F 41 6.28 31.90 21.24
C GLN F 41 5.15 32.37 22.15
N PRO F 42 5.44 33.27 23.09
CA PRO F 42 4.41 33.69 24.06
C PRO F 42 3.18 34.28 23.37
N GLY F 43 2.03 33.66 23.63
CA GLY F 43 0.76 34.13 23.12
C GLY F 43 0.37 33.58 21.77
N LYS F 44 1.26 32.86 21.10
CA LYS F 44 0.99 32.35 19.76
C LYS F 44 0.75 30.85 19.79
N ALA F 45 0.14 30.36 18.71
CA ALA F 45 -0.09 28.93 18.56
C ALA F 45 1.20 28.20 18.22
N PRO F 46 1.33 26.94 18.60
CA PRO F 46 2.55 26.18 18.28
C PRO F 46 2.74 26.05 16.78
N LYS F 47 3.99 26.06 16.35
CA LYS F 47 4.35 25.90 14.95
C LYS F 47 5.47 24.88 14.83
N LEU F 48 5.45 24.14 13.72
CA LEU F 48 6.42 23.08 13.49
C LEU F 48 7.72 23.68 12.97
N ILE F 49 8.85 23.25 13.54
CA ILE F 49 10.17 23.69 13.12
C ILE F 49 10.99 22.54 12.53
N ILE F 50 10.89 21.35 13.11
CA ILE F 50 11.60 20.17 12.62
C ILE F 50 10.66 18.98 12.69
N TYR F 51 10.55 18.25 11.59
CA TYR F 51 9.70 17.07 11.52
C TYR F 51 10.46 15.92 10.89
N GLU F 52 10.11 14.70 11.32
CA GLU F 52 10.70 13.46 10.82
C GLU F 52 12.23 13.54 10.89
N GLY F 53 12.69 13.61 12.13
CA GLY F 53 14.11 13.58 12.42
C GLY F 53 14.85 14.90 12.21
N ASN F 54 15.14 15.24 10.95
CA ASN F 54 15.92 16.43 10.67
C ASN F 54 15.43 17.15 9.42
N LYS F 55 14.14 17.08 9.11
CA LYS F 55 13.58 17.75 7.95
C LYS F 55 12.93 19.06 8.37
N ARG F 56 13.29 20.14 7.69
CA ARG F 56 12.81 21.48 8.01
C ARG F 56 11.70 21.88 7.07
N PRO F 57 10.54 22.28 7.57
CA PRO F 57 9.49 22.80 6.68
C PRO F 57 9.92 24.09 6.01
N SER F 58 9.23 24.41 4.92
CA SER F 58 9.53 25.63 4.17
C SER F 58 9.29 26.86 5.05
N GLY F 59 10.24 27.79 5.01
CA GLY F 59 10.17 29.00 5.79
C GLY F 59 10.77 28.91 7.17
N VAL F 60 11.17 27.73 7.62
CA VAL F 60 11.78 27.56 8.92
C VAL F 60 13.26 27.95 8.82
N SER F 61 13.73 28.72 9.79
CA SER F 61 15.13 29.15 9.79
C SER F 61 16.06 27.96 9.79
N HIS F 62 17.12 28.04 8.99
CA HIS F 62 18.07 26.95 8.81
C HIS F 62 18.98 26.76 10.00
N ARG F 63 18.75 27.44 11.11
CA ARG F 63 19.55 27.30 12.32
C ARG F 63 19.04 26.19 13.24
N PHE F 64 17.97 25.50 12.85
CA PHE F 64 17.40 24.41 13.65
C PHE F 64 17.83 23.09 13.03
N SER F 65 18.56 22.29 13.80
CA SER F 65 19.04 20.99 13.34
C SER F 65 18.59 19.91 14.32
N GLY F 66 18.13 18.79 13.79
CA GLY F 66 17.67 17.69 14.61
C GLY F 66 18.53 16.46 14.47
N SER F 67 18.79 15.78 15.58
CA SER F 67 19.62 14.58 15.61
C SER F 67 18.84 13.43 16.23
N ASN F 68 19.52 12.29 16.37
CA ASN F 68 18.93 11.10 16.96
C ASN F 68 20.06 10.18 17.40
N SER F 69 20.06 9.81 18.68
CA SER F 69 21.11 8.97 19.25
C SER F 69 20.48 8.06 20.29
N GLY F 70 20.27 6.79 19.93
CA GLY F 70 19.71 5.82 20.84
C GLY F 70 18.28 6.14 21.23
N ASN F 71 18.03 6.26 22.54
CA ASN F 71 16.70 6.57 23.07
C ASN F 71 16.57 8.05 23.43
N THR F 72 17.21 8.93 22.68
CA THR F 72 17.13 10.36 22.93
C THR F 72 17.16 11.11 21.61
N ALA F 73 16.19 12.00 21.41
CA ALA F 73 16.14 12.87 20.25
C ALA F 73 16.51 14.29 20.68
N SER F 74 17.43 14.91 19.95
CA SER F 74 17.98 16.20 20.34
C SER F 74 17.69 17.24 19.26
N LEU F 75 17.30 18.43 19.70
CA LEU F 75 17.11 19.59 18.83
C LEU F 75 18.19 20.62 19.15
N THR F 76 18.89 21.08 18.12
CA THR F 76 20.00 22.02 18.28
C THR F 76 19.65 23.32 17.56
N ILE F 77 19.82 24.44 18.25
CA ILE F 77 19.58 25.76 17.70
C ILE F 77 20.91 26.50 17.67
N SER F 78 21.31 26.95 16.48
CA SER F 78 22.58 27.63 16.29
C SER F 78 22.35 29.13 16.15
N GLY F 79 23.27 29.92 16.69
CA GLY F 79 23.16 31.36 16.62
C GLY F 79 21.95 31.87 17.39
N LEU F 80 21.99 31.75 18.72
CA LEU F 80 20.86 32.15 19.54
C LEU F 80 20.58 33.64 19.37
N GLN F 81 19.30 33.97 19.19
CA GLN F 81 18.85 35.34 19.04
C GLN F 81 17.64 35.56 19.96
N ALA F 82 17.16 36.80 20.01
CA ALA F 82 16.01 37.12 20.84
C ALA F 82 14.74 36.44 20.35
N GLU F 83 14.65 36.17 19.04
CA GLU F 83 13.48 35.51 18.48
C GLU F 83 13.48 34.00 18.76
N ASP F 84 14.57 33.45 19.26
CA ASP F 84 14.63 32.06 19.65
C ASP F 84 14.21 31.84 21.11
N GLU F 85 13.80 32.89 21.80
CA GLU F 85 13.39 32.82 23.19
C GLU F 85 11.93 32.41 23.24
N ALA F 86 11.68 31.11 23.23
CA ALA F 86 10.33 30.57 23.23
C ALA F 86 10.33 29.23 23.94
N ASP F 87 9.23 28.48 23.78
CA ASP F 87 9.09 27.16 24.37
C ASP F 87 9.06 26.12 23.26
N TYR F 88 9.81 25.03 23.46
CA TYR F 88 9.96 23.99 22.45
C TYR F 88 9.49 22.65 23.01
N TYR F 89 8.78 21.89 22.17
CA TYR F 89 8.24 20.59 22.57
C TYR F 89 8.58 19.56 21.50
N CYS F 90 8.75 18.32 21.95
CA CYS F 90 8.95 17.18 21.06
C CYS F 90 7.74 16.26 21.12
N CYS F 91 7.38 15.69 19.98
CA CYS F 91 6.25 14.79 19.88
C CYS F 91 6.66 13.50 19.19
N SER F 92 5.98 12.40 19.53
CA SER F 92 6.30 11.11 18.98
C SER F 92 5.04 10.25 18.94
N PHE F 93 5.07 9.24 18.08
CA PHE F 93 3.98 8.28 17.96
C PHE F 93 4.21 7.10 18.91
N ALA F 94 3.12 6.48 19.33
CA ALA F 94 3.17 5.40 20.31
C ALA F 94 2.66 4.11 19.67
N ILE F 95 2.99 2.98 20.32
CA ILE F 95 2.53 1.69 19.82
C ILE F 95 1.01 1.60 19.88
N SER F 96 0.42 2.05 20.99
CA SER F 96 -0.98 2.42 20.99
C SER F 96 -1.14 3.67 20.13
N VAL F 97 -2.24 3.75 19.39
CA VAL F 97 -2.32 4.77 18.36
C VAL F 97 -2.58 6.11 19.04
N THR F 98 -1.51 6.78 19.44
CA THR F 98 -1.56 8.00 20.22
C THR F 98 -0.31 8.82 19.94
N PHE F 99 -0.34 10.08 20.34
CA PHE F 99 0.82 10.96 20.26
C PHE F 99 1.19 11.43 21.66
N VAL F 100 2.48 11.46 21.94
CA VAL F 100 3.00 11.86 23.25
C VAL F 100 3.87 13.09 23.06
N PHE F 101 3.52 14.16 23.76
CA PHE F 101 4.30 15.39 23.73
C PHE F 101 5.34 15.39 24.84
N GLY F 102 6.43 16.10 24.60
CA GLY F 102 7.46 16.23 25.61
C GLY F 102 7.04 17.17 26.73
N THR F 103 7.84 17.17 27.79
CA THR F 103 7.52 18.01 28.95
C THR F 103 7.65 19.50 28.64
N GLY F 104 8.39 19.87 27.61
CA GLY F 104 8.54 21.26 27.25
C GLY F 104 9.81 21.87 27.80
N THR F 105 10.49 22.68 26.98
CA THR F 105 11.72 23.33 27.37
C THR F 105 11.63 24.82 27.06
N LYS F 106 11.98 25.65 28.03
CA LYS F 106 12.02 27.10 27.86
C LYS F 106 13.44 27.53 27.56
N VAL F 107 13.62 28.31 26.49
CA VAL F 107 14.92 28.80 26.09
C VAL F 107 15.08 30.22 26.60
N THR F 108 16.20 30.49 27.27
CA THR F 108 16.50 31.80 27.82
C THR F 108 17.80 32.32 27.24
N VAL F 109 17.93 33.65 27.21
CA VAL F 109 19.11 34.33 26.71
C VAL F 109 19.74 35.09 27.87
N LEU F 110 21.04 34.90 28.07
CA LEU F 110 21.76 35.54 29.16
C LEU F 110 22.32 36.90 28.75
#